data_1B12
#
_entry.id   1B12
#
_cell.length_a   110.700
_cell.length_b   113.200
_cell.length_c   99.200
_cell.angle_alpha   90.00
_cell.angle_beta   90.00
_cell.angle_gamma   90.00
#
_symmetry.space_group_name_H-M   'P 21 21 2'
#
loop_
_entity.id
_entity.type
_entity.pdbx_description
1 polymer 'SIGNAL PEPTIDASE I'
2 non-polymer 'prop-2-en-1-yl (2S)-2-[(2S,3R)-3-(acetyloxy)-1-oxobutan-2-yl]-2,3-dihydro-1,3-thiazole-4-carboxylate'
3 non-polymer 'PHOSPHATE ION'
4 water water
#
_entity_poly.entity_id   1
_entity_poly.type   'polypeptide(L)'
_entity_poly.pdbx_seq_one_letter_code
;VRSFIYEPFQIPSGSMMPTLLIGDFILVEKFAYGIKDPIYQKTLIETGHPKRGDIVVFKYPEDPKLDYIKRAVGLPGDKV
TYDPVSKELTIQPGCSSGQACENALPVTYSNVEPSDFVQTFSRRNGGEATSGFFEVPKNETKENGIRLSERKETLGDVTH
RILTVPIAQDQVGMYYQQPGQQLATWIVPPGQYFMMGDNRDNSADSRYWGFVPEANLVGRATAIWMSFDKQEGEWPTGLR
LSRIGGIH
;
_entity_poly.pdbx_strand_id   A,B,C,D
#
# COMPACT_ATOMS: atom_id res chain seq x y z
N ARG A 2 -7.93 15.64 24.51
CA ARG A 2 -7.54 14.22 24.21
C ARG A 2 -7.08 13.47 25.45
N SER A 3 -7.77 12.38 25.75
CA SER A 3 -7.45 11.55 26.91
C SER A 3 -6.95 10.19 26.46
N PHE A 4 -5.65 9.97 26.62
CA PHE A 4 -5.04 8.70 26.23
C PHE A 4 -5.08 7.67 27.34
N ILE A 5 -5.08 6.40 26.96
CA ILE A 5 -5.11 5.32 27.93
C ILE A 5 -3.78 4.56 27.87
N TYR A 6 -3.18 4.34 29.03
CA TYR A 6 -1.91 3.65 29.13
C TYR A 6 -2.04 2.31 29.79
N GLU A 7 -1.28 1.36 29.29
CA GLU A 7 -1.31 0.02 29.78
C GLU A 7 0.10 -0.53 29.89
N PRO A 8 0.47 -1.06 31.06
CA PRO A 8 1.82 -1.62 31.17
C PRO A 8 1.82 -3.05 30.63
N PHE A 9 2.99 -3.51 30.22
CA PHE A 9 3.11 -4.86 29.69
C PHE A 9 4.42 -5.49 30.11
N GLN A 10 4.35 -6.75 30.54
CA GLN A 10 5.56 -7.49 30.90
C GLN A 10 6.12 -8.03 29.58
N ILE A 11 7.44 -8.21 29.52
CA ILE A 11 8.10 -8.74 28.32
C ILE A 11 8.64 -10.13 28.72
N PRO A 12 7.92 -11.21 28.43
CA PRO A 12 8.44 -12.52 28.80
C PRO A 12 9.31 -13.23 27.77
N SER A 13 9.35 -12.74 26.53
CA SER A 13 10.13 -13.40 25.51
C SER A 13 11.17 -12.50 24.89
N GLY A 14 12.22 -13.10 24.31
CA GLY A 14 13.28 -12.27 23.77
C GLY A 14 13.21 -11.86 22.31
N SER A 15 12.05 -11.96 21.67
CA SER A 15 11.99 -11.63 20.24
C SER A 15 12.22 -10.16 19.84
N MET A 16 12.21 -9.26 20.82
CA MET A 16 12.48 -7.86 20.53
C MET A 16 13.86 -7.42 21.04
N MET A 17 14.74 -8.38 21.33
CA MET A 17 16.08 -8.02 21.80
C MET A 17 16.84 -7.36 20.65
N PRO A 18 17.79 -6.45 20.96
CA PRO A 18 18.22 -6.03 22.29
C PRO A 18 17.37 -4.85 22.82
N THR A 19 16.44 -4.41 21.98
CA THR A 19 15.58 -3.27 22.31
C THR A 19 14.78 -3.47 23.60
N LEU A 20 14.14 -4.64 23.70
CA LEU A 20 13.36 -4.99 24.89
C LEU A 20 13.92 -6.33 25.32
N LEU A 21 14.22 -6.45 26.60
CA LEU A 21 14.75 -7.69 27.12
C LEU A 21 13.72 -8.37 27.97
N ILE A 22 13.87 -9.68 28.10
CA ILE A 22 13.00 -10.46 28.94
C ILE A 22 13.15 -9.83 30.33
N GLY A 23 12.04 -9.53 30.99
CA GLY A 23 12.13 -8.91 32.30
C GLY A 23 11.82 -7.40 32.24
N ASP A 24 11.88 -6.80 31.05
CA ASP A 24 11.53 -5.38 30.96
C ASP A 24 10.01 -5.28 31.20
N PHE A 25 9.60 -4.14 31.72
CA PHE A 25 8.20 -3.88 31.99
C PHE A 25 7.98 -2.54 31.28
N ILE A 26 7.19 -2.54 30.20
CA ILE A 26 6.98 -1.33 29.44
C ILE A 26 5.63 -0.67 29.64
N LEU A 27 5.54 0.56 29.16
CA LEU A 27 4.31 1.33 29.19
C LEU A 27 3.89 1.44 27.74
N VAL A 28 2.60 1.24 27.49
CA VAL A 28 2.07 1.28 26.15
C VAL A 28 0.92 2.29 26.09
N GLU A 29 0.93 3.13 25.05
CA GLU A 29 -0.12 4.11 24.83
C GLU A 29 -1.12 3.50 23.84
N LYS A 30 -2.34 3.19 24.31
CA LYS A 30 -3.35 2.61 23.42
C LYS A 30 -3.65 3.54 22.25
N PHE A 31 -3.92 2.97 21.09
CA PHE A 31 -4.22 3.78 19.90
C PHE A 31 -5.56 4.50 20.01
N ALA A 32 -6.53 3.85 20.64
CA ALA A 32 -7.86 4.44 20.81
C ALA A 32 -7.81 5.43 21.96
N TYR A 33 -8.30 6.64 21.71
CA TYR A 33 -8.30 7.65 22.76
C TYR A 33 -9.59 8.45 22.71
N GLY A 34 -9.85 9.22 23.76
CA GLY A 34 -11.05 10.02 23.83
C GLY A 34 -10.79 11.51 23.64
N ILE A 35 -11.76 12.20 23.08
CA ILE A 35 -11.69 13.63 22.83
C ILE A 35 -13.03 14.24 23.26
N LYS A 36 -13.00 15.40 23.90
CA LYS A 36 -14.23 16.06 24.34
C LYS A 36 -14.84 16.88 23.19
N ASP A 37 -16.06 16.52 22.80
CA ASP A 37 -16.85 17.13 21.70
C ASP A 37 -16.99 18.63 21.98
N PRO A 38 -17.41 19.46 21.00
CA PRO A 38 -17.54 20.91 21.26
C PRO A 38 -18.01 21.06 22.67
N ILE A 39 -17.18 21.97 23.23
CA ILE A 39 -16.78 21.89 24.60
C ILE A 39 -17.58 22.17 25.58
N TYR A 40 -18.23 21.78 26.09
CA TYR A 40 -18.59 20.30 26.34
C TYR A 40 -19.31 19.27 26.89
N GLN A 41 -19.60 18.55 26.24
CA GLN A 41 -20.20 17.27 26.47
C GLN A 41 -19.64 15.84 26.48
N LYS A 42 -19.53 15.33 25.25
CA LYS A 42 -20.02 14.08 24.40
C LYS A 42 -18.55 13.72 24.19
N THR A 43 -18.06 12.76 24.95
CA THR A 43 -16.69 12.29 24.80
C THR A 43 -16.68 11.41 23.56
N LEU A 44 -15.90 11.79 22.56
CA LEU A 44 -15.82 11.01 21.32
C LEU A 44 -14.56 10.16 21.31
N ILE A 45 -14.63 9.01 20.64
CA ILE A 45 -13.51 8.09 20.56
C ILE A 45 -12.84 8.08 19.19
N GLU A 46 -11.56 8.42 19.17
CA GLU A 46 -10.76 8.44 17.95
C GLU A 46 -9.73 7.33 18.05
N THR A 47 -9.11 6.97 16.92
CA THR A 47 -8.09 5.94 16.93
C THR A 47 -6.86 6.34 16.13
N GLY A 48 -5.71 6.34 16.78
CA GLY A 48 -4.47 6.69 16.11
C GLY A 48 -3.95 5.51 15.32
N HIS A 49 -2.83 5.67 14.64
CA HIS A 49 -2.26 4.57 13.85
C HIS A 49 -0.74 4.49 14.01
N PRO A 50 -0.17 3.30 13.83
CA PRO A 50 1.28 3.11 13.94
C PRO A 50 2.01 3.88 12.86
N LYS A 51 3.20 4.38 13.20
CA LYS A 51 4.04 5.07 12.22
C LYS A 51 5.08 4.00 11.91
N ARG A 52 5.73 4.08 10.75
CA ARG A 52 6.73 3.08 10.42
C ARG A 52 7.82 3.06 11.48
N GLY A 53 8.19 1.84 11.91
CA GLY A 53 9.21 1.71 12.94
C GLY A 53 8.66 1.69 14.37
N ASP A 54 7.39 2.03 14.57
CA ASP A 54 6.88 1.99 15.93
C ASP A 54 6.91 0.57 16.52
N ILE A 55 7.12 0.48 17.82
CA ILE A 55 7.05 -0.81 18.49
C ILE A 55 5.58 -0.87 18.91
N VAL A 56 4.92 -1.93 18.47
CA VAL A 56 3.47 -2.06 18.66
C VAL A 56 3.05 -3.33 19.35
N VAL A 57 2.05 -3.20 20.20
CA VAL A 57 1.47 -4.35 20.87
C VAL A 57 0.20 -4.64 20.08
N PHE A 58 -0.03 -5.90 19.75
CA PHE A 58 -1.23 -6.26 19.00
C PHE A 58 -1.64 -7.67 19.39
N LYS A 59 -2.87 -8.01 19.06
CA LYS A 59 -3.41 -9.34 19.32
C LYS A 59 -2.94 -10.24 18.20
N TYR A 60 -2.24 -11.31 18.56
CA TYR A 60 -1.73 -12.29 17.59
C TYR A 60 -2.88 -12.78 16.71
N PRO A 61 -2.84 -12.48 15.39
CA PRO A 61 -3.92 -12.91 14.48
C PRO A 61 -4.37 -14.36 14.58
N GLU A 62 -3.44 -15.30 14.63
CA GLU A 62 -3.79 -16.71 14.70
C GLU A 62 -4.34 -17.18 16.05
N ASP A 63 -4.27 -16.32 17.04
CA ASP A 63 -4.81 -16.62 18.36
C ASP A 63 -4.85 -15.30 19.12
N PRO A 64 -5.88 -14.50 18.85
CA PRO A 64 -6.16 -13.18 19.43
C PRO A 64 -6.13 -13.14 20.95
N LYS A 65 -6.03 -14.29 21.60
CA LYS A 65 -5.99 -14.31 23.05
C LYS A 65 -4.61 -13.93 23.60
N LEU A 66 -3.60 -13.94 22.73
CA LEU A 66 -2.21 -13.59 23.10
C LEU A 66 -1.83 -12.26 22.51
N ASP A 67 -1.09 -11.48 23.29
CA ASP A 67 -0.64 -10.18 22.83
C ASP A 67 0.83 -10.30 22.46
N TYR A 68 1.16 -9.87 21.25
CA TYR A 68 2.53 -9.90 20.78
C TYR A 68 3.03 -8.48 20.74
N ILE A 69 4.34 -8.32 20.73
CA ILE A 69 4.96 -7.00 20.64
C ILE A 69 6.05 -7.07 19.58
N LYS A 70 5.90 -6.27 18.51
CA LYS A 70 6.88 -6.26 17.43
C LYS A 70 7.00 -4.85 16.88
N ARG A 71 7.86 -4.70 15.88
CA ARG A 71 8.05 -3.41 15.25
C ARG A 71 7.24 -3.40 13.95
N ALA A 72 6.53 -2.32 13.71
CA ALA A 72 5.72 -2.17 12.50
C ALA A 72 6.65 -1.68 11.40
N VAL A 73 7.26 -2.60 10.68
CA VAL A 73 8.18 -2.24 9.61
C VAL A 73 7.49 -1.99 8.29
N GLY A 74 6.30 -2.57 8.11
CA GLY A 74 5.55 -2.37 6.88
C GLY A 74 4.19 -1.74 7.14
N LEU A 75 3.89 -0.67 6.43
CA LEU A 75 2.62 0.06 6.55
C LEU A 75 1.75 -0.28 5.33
N PRO A 76 0.43 -0.04 5.43
CA PRO A 76 -0.52 -0.28 4.35
C PRO A 76 0.04 0.22 3.03
N GLY A 77 0.08 -0.64 2.02
CA GLY A 77 0.60 -0.21 0.73
C GLY A 77 2.06 -0.51 0.46
N ASP A 78 2.84 -0.77 1.50
CA ASP A 78 4.27 -1.07 1.30
C ASP A 78 4.54 -2.40 0.63
N LYS A 79 5.55 -2.40 -0.22
CA LYS A 79 5.99 -3.64 -0.81
C LYS A 79 7.20 -3.92 0.09
N VAL A 80 7.13 -5.02 0.83
CA VAL A 80 8.20 -5.38 1.76
C VAL A 80 8.93 -6.60 1.25
N THR A 81 10.25 -6.52 1.17
CA THR A 81 11.03 -7.67 0.73
C THR A 81 12.10 -7.95 1.78
N TYR A 82 12.25 -9.22 2.12
CA TYR A 82 13.26 -9.61 3.09
C TYR A 82 14.24 -10.55 2.39
N ASP A 83 15.51 -10.18 2.44
CA ASP A 83 16.59 -10.97 1.86
C ASP A 83 17.06 -11.82 3.04
N PRO A 84 16.75 -13.13 3.02
CA PRO A 84 17.13 -14.03 4.12
C PRO A 84 18.63 -14.24 4.26
N VAL A 85 19.38 -13.96 3.20
CA VAL A 85 20.82 -14.16 3.25
C VAL A 85 21.50 -12.98 3.92
N SER A 86 21.25 -11.78 3.42
CA SER A 86 21.85 -10.58 4.02
C SER A 86 21.06 -10.18 5.28
N LYS A 87 19.86 -10.73 5.43
CA LYS A 87 18.99 -10.42 6.58
C LYS A 87 18.71 -8.93 6.62
N GLU A 88 18.35 -8.39 5.44
CA GLU A 88 18.03 -6.97 5.29
C GLU A 88 16.68 -6.78 4.61
N LEU A 89 15.99 -5.71 5.00
CA LEU A 89 14.69 -5.36 4.45
C LEU A 89 14.83 -4.32 3.33
N THR A 90 13.92 -4.40 2.37
CA THR A 90 13.83 -3.42 1.29
C THR A 90 12.36 -3.06 1.37
N ILE A 91 12.05 -1.77 1.42
CA ILE A 91 10.67 -1.34 1.53
C ILE A 91 10.34 -0.30 0.47
N GLN A 92 9.25 -0.52 -0.25
CA GLN A 92 8.80 0.39 -1.29
C GLN A 92 7.39 0.87 -1.02
N PRO A 93 7.25 2.06 -0.44
CA PRO A 93 5.96 2.66 -0.11
C PRO A 93 5.02 2.79 -1.31
N GLY A 94 3.73 2.65 -1.06
CA GLY A 94 2.74 2.76 -2.12
C GLY A 94 2.93 1.92 -3.37
N CYS A 95 3.57 0.76 -3.26
CA CYS A 95 3.75 -0.10 -4.42
C CYS A 95 2.84 -1.30 -4.25
N SER A 96 1.53 -1.05 -4.24
CA SER A 96 0.54 -2.09 -4.01
C SER A 96 -0.31 -2.58 -5.18
N SER A 97 0.08 -2.26 -6.40
CA SER A 97 -0.70 -2.68 -7.55
C SER A 97 0.05 -3.54 -8.56
N GLY A 98 1.10 -4.23 -8.10
CA GLY A 98 1.87 -5.07 -8.99
C GLY A 98 2.63 -4.29 -10.04
N GLN A 99 2.70 -2.98 -9.86
CA GLN A 99 3.42 -2.11 -10.80
C GLN A 99 4.91 -2.25 -10.51
N ALA A 100 5.73 -2.06 -11.53
CA ALA A 100 7.17 -2.15 -11.34
C ALA A 100 7.61 -0.82 -10.73
N CYS A 101 7.61 -0.76 -9.40
CA CYS A 101 7.99 0.46 -8.70
C CYS A 101 9.50 0.69 -8.65
N GLU A 102 9.89 1.95 -8.62
CA GLU A 102 11.30 2.31 -8.56
C GLU A 102 11.63 3.09 -7.30
N ASN A 103 10.58 3.63 -6.67
CA ASN A 103 10.76 4.38 -5.43
C ASN A 103 11.25 3.41 -4.37
N ALA A 104 11.80 3.94 -3.29
CA ALA A 104 12.28 3.07 -2.23
C ALA A 104 12.59 3.84 -0.97
N LEU A 105 12.03 3.38 0.15
CA LEU A 105 12.26 4.00 1.44
C LEU A 105 13.73 3.84 1.73
N PRO A 106 14.36 4.86 2.32
CA PRO A 106 15.78 4.72 2.63
C PRO A 106 15.89 3.70 3.76
N VAL A 107 16.55 2.58 3.50
CA VAL A 107 16.76 1.57 4.53
C VAL A 107 18.24 1.24 4.50
N THR A 108 18.96 1.64 5.55
CA THR A 108 20.39 1.41 5.60
C THR A 108 20.81 0.67 6.85
N TYR A 109 21.91 -0.09 6.75
CA TYR A 109 22.42 -0.87 7.88
C TYR A 109 23.85 -0.52 8.27
N SER A 110 24.14 -0.52 9.57
CA SER A 110 25.50 -0.23 10.01
C SER A 110 26.25 -1.56 9.97
N ASN A 111 27.56 -1.50 10.25
CA ASN A 111 28.36 -2.72 10.23
C ASN A 111 28.00 -3.69 11.36
N VAL A 112 28.03 -4.97 11.05
CA VAL A 112 27.73 -6.01 12.02
C VAL A 112 28.85 -6.04 13.06
N GLU A 113 28.47 -6.14 14.33
CA GLU A 113 29.42 -6.21 15.43
C GLU A 113 28.92 -7.22 16.44
N PRO A 114 29.83 -7.84 17.21
CA PRO A 114 29.37 -8.81 18.20
C PRO A 114 28.47 -8.10 19.21
N SER A 115 27.39 -8.75 19.61
CA SER A 115 26.52 -8.13 20.59
C SER A 115 26.92 -8.60 21.99
N ASP A 116 26.23 -8.08 23.00
CA ASP A 116 26.50 -8.46 24.39
C ASP A 116 25.89 -9.79 24.76
N PHE A 117 25.08 -10.33 23.86
CA PHE A 117 24.38 -11.56 24.12
C PHE A 117 24.85 -12.84 23.46
N VAL A 118 24.70 -13.93 24.20
CA VAL A 118 25.02 -15.25 23.70
C VAL A 118 23.75 -16.05 23.83
N GLN A 119 23.35 -16.74 22.76
CA GLN A 119 22.15 -17.54 22.83
C GLN A 119 22.60 -18.97 23.01
N THR A 120 22.09 -19.62 24.04
CA THR A 120 22.49 -20.98 24.32
C THR A 120 21.45 -21.98 23.88
N PHE A 121 21.88 -23.21 23.71
CA PHE A 121 20.98 -24.25 23.31
C PHE A 121 21.22 -25.50 24.16
N SER A 122 20.13 -26.17 24.49
CA SER A 122 20.17 -27.39 25.26
C SER A 122 20.62 -28.43 24.24
N ARG A 123 21.39 -29.42 24.68
CA ARG A 123 21.91 -30.43 23.77
C ARG A 123 21.09 -31.69 23.78
N ARG A 124 19.77 -31.49 23.75
CA ARG A 124 18.83 -32.57 23.75
C ARG A 124 19.27 -33.71 22.82
N ASN A 125 19.79 -34.77 23.42
CA ASN A 125 20.24 -35.98 22.72
C ASN A 125 20.95 -35.76 21.38
N GLY A 126 21.82 -34.76 21.32
CA GLY A 126 22.55 -34.50 20.10
C GLY A 126 22.11 -33.24 19.41
N GLY A 127 20.80 -33.00 19.40
CA GLY A 127 20.26 -31.81 18.76
C GLY A 127 20.40 -30.57 19.62
N GLU A 128 19.66 -29.53 19.25
CA GLU A 128 19.71 -28.28 19.96
C GLU A 128 18.32 -27.67 20.15
N ALA A 129 18.17 -26.89 21.22
CA ALA A 129 16.92 -26.20 21.55
C ALA A 129 17.35 -24.98 22.36
N THR A 130 16.92 -23.80 21.93
CA THR A 130 17.30 -22.58 22.63
C THR A 130 17.01 -22.75 24.12
N SER A 131 17.98 -22.41 24.95
CA SER A 131 17.82 -22.53 26.40
C SER A 131 17.82 -21.16 27.03
N GLY A 132 18.05 -20.14 26.22
CA GLY A 132 18.03 -18.80 26.76
C GLY A 132 19.05 -17.87 26.15
N PHE A 133 19.02 -16.64 26.64
CA PHE A 133 19.91 -15.60 26.20
C PHE A 133 20.68 -15.13 27.42
N PHE A 134 21.97 -14.88 27.25
CA PHE A 134 22.81 -14.45 28.34
C PHE A 134 23.67 -13.29 27.93
N GLU A 135 23.85 -12.36 28.85
CA GLU A 135 24.71 -11.24 28.58
C GLU A 135 26.07 -11.77 28.97
N VAL A 136 27.00 -11.80 28.01
CA VAL A 136 28.33 -12.33 28.28
C VAL A 136 29.40 -11.35 27.86
N PRO A 137 30.41 -11.12 28.72
CA PRO A 137 31.46 -10.19 28.32
C PRO A 137 31.98 -10.60 26.93
N LYS A 138 32.27 -9.61 26.10
CA LYS A 138 32.68 -9.90 24.75
C LYS A 138 33.95 -10.70 24.61
N ASN A 139 34.79 -10.73 25.65
CA ASN A 139 36.03 -11.50 25.58
C ASN A 139 35.86 -12.89 26.19
N GLU A 140 34.62 -13.30 26.46
CA GLU A 140 34.38 -14.61 27.03
C GLU A 140 33.43 -15.42 26.15
N THR A 141 33.39 -16.72 26.40
CA THR A 141 32.52 -17.59 25.63
C THR A 141 31.74 -18.47 26.57
N LYS A 142 30.67 -19.04 26.03
CA LYS A 142 29.84 -19.94 26.80
C LYS A 142 29.68 -21.18 25.93
N GLU A 143 29.82 -22.36 26.52
CA GLU A 143 29.70 -23.61 25.76
C GLU A 143 28.25 -23.79 25.30
N ASN A 144 28.05 -24.38 24.13
CA ASN A 144 26.72 -24.54 23.55
C ASN A 144 26.00 -23.21 23.44
N GLY A 145 26.74 -22.20 23.03
CA GLY A 145 26.14 -20.89 22.87
C GLY A 145 26.74 -20.23 21.65
N ILE A 146 25.95 -19.38 21.00
CA ILE A 146 26.44 -18.64 19.86
C ILE A 146 26.30 -17.17 20.18
N ARG A 147 27.38 -16.43 19.98
CA ARG A 147 27.42 -14.99 20.18
C ARG A 147 26.54 -14.36 19.08
N LEU A 148 25.58 -13.54 19.47
CA LEU A 148 24.72 -12.90 18.48
C LEU A 148 25.40 -11.68 17.88
N SER A 149 25.02 -11.37 16.66
CA SER A 149 25.55 -10.20 15.99
C SER A 149 24.52 -9.10 16.18
N GLU A 150 24.98 -7.87 16.08
CA GLU A 150 24.12 -6.72 16.26
C GLU A 150 24.51 -5.64 15.25
N ARG A 151 23.52 -4.89 14.81
CA ARG A 151 23.76 -3.77 13.90
C ARG A 151 22.56 -2.87 14.01
N LYS A 152 22.66 -1.68 13.42
CA LYS A 152 21.56 -0.74 13.44
C LYS A 152 20.89 -0.80 12.09
N GLU A 153 19.56 -0.72 12.11
CA GLU A 153 18.75 -0.73 10.90
C GLU A 153 17.99 0.58 10.90
N THR A 154 18.12 1.34 9.80
CA THR A 154 17.39 2.59 9.72
C THR A 154 16.28 2.43 8.69
N LEU A 155 15.04 2.61 9.16
CA LEU A 155 13.86 2.51 8.33
C LEU A 155 13.41 3.94 8.07
N GLY A 156 13.70 4.48 6.90
CA GLY A 156 13.31 5.86 6.64
C GLY A 156 14.12 6.71 7.60
N ASP A 157 13.49 7.30 8.60
CA ASP A 157 14.24 8.11 9.56
C ASP A 157 14.22 7.53 10.98
N VAL A 158 13.87 6.25 11.10
CA VAL A 158 13.85 5.61 12.41
C VAL A 158 15.02 4.61 12.49
N THR A 159 15.89 4.79 13.47
CA THR A 159 17.03 3.90 13.64
C THR A 159 16.86 3.07 14.90
N HIS A 160 17.12 1.77 14.77
CA HIS A 160 16.99 0.90 15.94
C HIS A 160 17.95 -0.26 15.77
N ARG A 161 18.12 -1.05 16.82
CA ARG A 161 19.04 -2.18 16.72
C ARG A 161 18.33 -3.49 16.38
N ILE A 162 19.09 -4.44 15.84
CA ILE A 162 18.56 -5.77 15.58
C ILE A 162 19.69 -6.69 15.99
N LEU A 163 19.32 -7.93 16.29
CA LEU A 163 20.32 -8.96 16.61
C LEU A 163 20.08 -10.07 15.60
N THR A 164 21.17 -10.69 15.13
CA THR A 164 21.05 -11.81 14.22
C THR A 164 21.88 -12.96 14.81
N VAL A 165 21.47 -14.18 14.48
CA VAL A 165 22.15 -15.42 14.89
C VAL A 165 22.95 -15.77 13.65
N PRO A 166 24.27 -15.56 13.69
CA PRO A 166 25.11 -15.85 12.53
C PRO A 166 25.16 -17.25 11.95
N ILE A 167 24.66 -18.24 12.67
CA ILE A 167 24.70 -19.62 12.18
C ILE A 167 23.33 -20.04 11.67
N ALA A 168 22.41 -19.09 11.63
CA ALA A 168 21.06 -19.39 11.19
C ALA A 168 20.61 -18.63 9.97
N GLN A 169 19.61 -19.18 9.29
CA GLN A 169 19.03 -18.54 8.10
C GLN A 169 17.58 -19.00 8.00
N ASP A 170 16.66 -18.08 7.71
CA ASP A 170 15.25 -18.45 7.58
C ASP A 170 15.05 -19.48 6.48
N GLN A 171 14.06 -20.35 6.65
CA GLN A 171 13.73 -21.30 5.61
C GLN A 171 12.55 -20.60 4.93
N VAL A 172 12.85 -19.91 3.83
CA VAL A 172 11.83 -19.16 3.11
C VAL A 172 10.59 -19.98 2.79
N GLY A 173 10.78 -21.30 2.70
CA GLY A 173 9.69 -22.20 2.41
C GLY A 173 8.65 -22.27 3.50
N MET A 174 8.96 -21.75 4.68
CA MET A 174 7.96 -21.76 5.73
C MET A 174 7.33 -20.41 5.98
N TYR A 175 7.66 -19.45 5.14
CA TYR A 175 7.08 -18.13 5.24
C TYR A 175 5.61 -18.19 4.85
N TYR A 176 4.88 -17.17 5.26
CA TYR A 176 3.49 -17.04 4.84
C TYR A 176 3.72 -16.51 3.42
N GLN A 177 3.07 -17.12 2.43
CA GLN A 177 3.23 -16.65 1.05
C GLN A 177 1.92 -16.01 0.59
N GLN A 178 1.99 -14.74 0.22
CA GLN A 178 0.82 -13.98 -0.20
C GLN A 178 0.41 -14.33 -1.62
N PRO A 179 -0.91 -14.51 -1.86
CA PRO A 179 -1.34 -14.85 -3.23
C PRO A 179 -0.76 -13.87 -4.25
N GLY A 180 -0.18 -14.38 -5.33
CA GLY A 180 0.39 -13.51 -6.35
C GLY A 180 1.82 -13.07 -6.13
N GLN A 181 2.40 -13.38 -4.96
CA GLN A 181 3.76 -12.95 -4.68
C GLN A 181 4.75 -14.09 -4.54
N GLN A 182 6.02 -13.82 -4.85
CA GLN A 182 7.02 -14.86 -4.68
C GLN A 182 7.30 -14.89 -3.18
N LEU A 183 7.98 -15.93 -2.71
CA LEU A 183 8.33 -16.04 -1.32
C LEU A 183 9.21 -14.86 -0.94
N ALA A 184 9.05 -14.36 0.29
CA ALA A 184 9.85 -13.26 0.83
C ALA A 184 9.54 -11.85 0.34
N THR A 185 8.42 -11.69 -0.34
CA THR A 185 7.96 -10.38 -0.79
C THR A 185 6.49 -10.32 -0.39
N TRP A 186 6.11 -9.19 0.20
CA TRP A 186 4.74 -8.99 0.63
C TRP A 186 4.30 -7.57 0.32
N ILE A 187 3.03 -7.43 -0.01
CA ILE A 187 2.44 -6.11 -0.26
C ILE A 187 1.45 -5.97 0.88
N VAL A 188 1.68 -5.00 1.75
CA VAL A 188 0.81 -4.80 2.89
C VAL A 188 -0.57 -4.29 2.50
N PRO A 189 -1.63 -5.01 2.90
CA PRO A 189 -3.00 -4.61 2.57
C PRO A 189 -3.45 -3.32 3.27
N PRO A 190 -4.49 -2.70 2.73
CA PRO A 190 -4.96 -1.47 3.37
C PRO A 190 -5.38 -1.80 4.80
N GLY A 191 -5.12 -0.88 5.72
CA GLY A 191 -5.54 -1.14 7.08
C GLY A 191 -4.89 -2.32 7.77
N GLN A 192 -3.76 -2.77 7.24
CA GLN A 192 -3.03 -3.89 7.84
C GLN A 192 -1.54 -3.55 7.99
N TYR A 193 -0.81 -4.37 8.75
CA TYR A 193 0.62 -4.10 9.04
C TYR A 193 1.52 -5.32 9.00
N PHE A 194 2.78 -5.11 8.63
CA PHE A 194 3.76 -6.17 8.58
C PHE A 194 4.66 -5.93 9.81
N MET A 195 4.66 -6.90 10.71
CA MET A 195 5.41 -6.83 11.96
C MET A 195 6.62 -7.73 11.95
N MET A 196 7.71 -7.22 12.52
CA MET A 196 8.94 -8.00 12.64
C MET A 196 9.62 -7.74 13.98
N GLY A 197 10.14 -8.79 14.60
CA GLY A 197 10.82 -8.66 15.87
C GLY A 197 12.27 -8.24 15.64
N ASP A 198 12.83 -7.45 16.56
CA ASP A 198 14.22 -7.00 16.40
C ASP A 198 15.27 -8.14 16.52
N ASN A 199 14.92 -9.22 17.23
CA ASN A 199 15.82 -10.39 17.42
C ASN A 199 15.36 -11.20 16.22
N ARG A 200 15.87 -10.80 15.07
CA ARG A 200 15.46 -11.30 13.77
C ARG A 200 15.40 -12.77 13.47
N ASP A 201 16.24 -13.56 14.14
CA ASP A 201 16.24 -14.99 13.91
C ASP A 201 15.51 -15.73 15.03
N ASN A 202 14.94 -14.97 15.97
CA ASN A 202 14.19 -15.52 17.10
C ASN A 202 12.87 -14.75 17.20
N SER A 203 12.17 -14.66 16.08
CA SER A 203 10.91 -13.93 16.03
C SER A 203 9.93 -14.60 15.08
N ALA A 204 8.82 -15.10 15.63
CA ALA A 204 7.77 -15.70 14.80
C ALA A 204 6.87 -14.49 14.50
N ASP A 205 7.15 -13.81 13.39
CA ASP A 205 6.41 -12.61 13.07
C ASP A 205 5.69 -12.68 11.72
N SER A 206 5.42 -11.52 11.10
CA SER A 206 4.68 -11.50 9.83
C SER A 206 5.26 -12.33 8.70
N ARG A 207 6.57 -12.58 8.73
CA ARG A 207 7.16 -13.41 7.69
C ARG A 207 6.50 -14.79 7.69
N TYR A 208 6.13 -15.26 8.86
CA TYR A 208 5.55 -16.60 9.01
C TYR A 208 4.06 -16.69 9.06
N TRP A 209 3.41 -15.67 9.58
CA TRP A 209 1.96 -15.74 9.66
C TRP A 209 1.19 -14.59 9.02
N GLY A 210 1.88 -13.69 8.33
CA GLY A 210 1.09 -12.66 7.67
C GLY A 210 0.90 -11.34 8.36
N PHE A 211 -0.10 -10.60 7.89
CA PHE A 211 -0.36 -9.24 8.37
C PHE A 211 -1.21 -9.10 9.62
N VAL A 212 -1.08 -7.95 10.27
CA VAL A 212 -1.84 -7.66 11.47
C VAL A 212 -2.89 -6.63 11.09
N PRO A 213 -4.19 -7.00 11.18
CA PRO A 213 -5.29 -6.09 10.84
C PRO A 213 -5.30 -4.95 11.86
N GLU A 214 -5.69 -3.74 11.45
CA GLU A 214 -5.68 -2.65 12.40
C GLU A 214 -6.56 -2.91 13.60
N ALA A 215 -7.62 -3.68 13.42
CA ALA A 215 -8.53 -3.99 14.51
C ALA A 215 -7.79 -4.69 15.66
N ASN A 216 -6.72 -5.41 15.32
CA ASN A 216 -5.94 -6.15 16.31
C ASN A 216 -4.90 -5.35 17.07
N LEU A 217 -4.70 -4.11 16.65
CA LEU A 217 -3.70 -3.27 17.32
C LEU A 217 -4.16 -2.84 18.69
N VAL A 218 -3.24 -2.89 19.66
CA VAL A 218 -3.58 -2.48 21.01
C VAL A 218 -2.93 -1.12 21.28
N GLY A 219 -1.64 -1.00 21.00
CA GLY A 219 -0.99 0.27 21.27
C GLY A 219 0.49 0.38 20.88
N ARG A 220 1.07 1.53 21.22
CA ARG A 220 2.46 1.85 20.93
C ARG A 220 3.27 1.91 22.23
N ALA A 221 4.39 1.18 22.25
CA ALA A 221 5.26 1.16 23.42
C ALA A 221 5.90 2.53 23.54
N THR A 222 5.88 3.11 24.73
CA THR A 222 6.42 4.44 24.92
C THR A 222 7.59 4.49 25.90
N ALA A 223 7.73 3.49 26.74
CA ALA A 223 8.80 3.55 27.74
C ALA A 223 9.08 2.24 28.44
N ILE A 224 10.27 2.14 29.02
CA ILE A 224 10.58 0.99 29.87
C ILE A 224 10.41 1.61 31.23
N TRP A 225 9.37 1.15 31.93
CA TRP A 225 8.99 1.65 33.24
C TRP A 225 9.75 0.97 34.37
N MET A 226 10.13 -0.28 34.15
CA MET A 226 10.87 -1.03 35.15
C MET A 226 11.51 -2.18 34.42
N SER A 227 12.49 -2.81 35.06
CA SER A 227 13.17 -3.95 34.47
C SER A 227 13.79 -4.82 35.54
N PHE A 228 13.60 -6.14 35.42
CA PHE A 228 14.13 -7.12 36.38
C PHE A 228 14.65 -8.35 35.65
N ASP A 229 15.80 -8.85 36.08
CA ASP A 229 16.38 -10.04 35.47
C ASP A 229 16.43 -11.19 36.45
N GLY A 238 18.27 -8.06 41.27
CA GLY A 238 17.83 -8.34 39.92
C GLY A 238 17.38 -7.08 39.18
N LEU A 239 17.14 -6.02 39.94
CA LEU A 239 16.70 -4.74 39.37
C LEU A 239 17.70 -4.22 38.34
N ARG A 240 17.18 -3.74 37.22
CA ARG A 240 18.01 -3.16 36.16
C ARG A 240 17.51 -1.74 35.95
N LEU A 241 17.77 -0.87 36.92
CA LEU A 241 17.30 0.52 36.84
C LEU A 241 17.91 1.31 35.70
N SER A 242 19.05 0.84 35.22
CA SER A 242 19.71 1.52 34.12
C SER A 242 18.85 1.41 32.86
N ARG A 243 17.92 0.45 32.81
CA ARG A 243 17.09 0.29 31.62
C ARG A 243 15.82 1.13 31.63
N ILE A 244 15.49 1.72 32.77
CA ILE A 244 14.27 2.55 32.86
C ILE A 244 14.50 3.82 32.05
N GLY A 245 13.51 4.20 31.26
CA GLY A 245 13.66 5.39 30.42
C GLY A 245 13.03 5.16 29.05
N GLY A 246 13.63 5.73 28.02
CA GLY A 246 13.10 5.57 26.69
C GLY A 246 13.49 4.24 26.08
N ILE A 247 12.82 3.91 24.99
CA ILE A 247 13.13 2.68 24.28
C ILE A 247 13.95 3.10 23.09
N HIS A 248 15.14 2.52 22.95
CA HIS A 248 15.99 2.89 21.83
C HIS A 248 16.66 1.70 21.19
N PHE B 4 -7.77 14.09 -57.57
CA PHE B 4 -8.12 12.66 -57.82
C PHE B 4 -7.03 11.98 -58.63
N ILE B 5 -6.57 10.83 -58.15
CA ILE B 5 -5.56 10.07 -58.86
C ILE B 5 -5.78 8.58 -58.76
N TYR B 6 -5.89 7.95 -59.92
CA TYR B 6 -6.06 6.51 -60.00
C TYR B 6 -4.65 5.97 -59.85
N GLU B 7 -4.29 5.55 -58.64
CA GLU B 7 -2.95 5.01 -58.39
C GLU B 7 -2.62 3.87 -59.34
N PRO B 8 -1.48 3.98 -60.03
CA PRO B 8 -1.00 2.99 -61.00
C PRO B 8 -0.27 1.78 -60.43
N PHE B 9 -0.14 1.73 -59.12
CA PHE B 9 0.55 0.59 -58.52
C PHE B 9 -0.39 -0.15 -57.57
N GLN B 10 -0.20 -1.45 -57.50
CA GLN B 10 -1.02 -2.29 -56.64
C GLN B 10 -0.65 -2.13 -55.18
N ILE B 11 -1.62 -2.39 -54.31
CA ILE B 11 -1.36 -2.36 -52.89
C ILE B 11 -0.43 -3.56 -52.71
N PRO B 12 0.77 -3.34 -52.15
CA PRO B 12 1.71 -4.45 -51.95
C PRO B 12 1.58 -5.35 -50.71
N SER B 13 0.94 -4.86 -49.65
CA SER B 13 0.81 -5.67 -48.42
C SER B 13 -0.61 -5.72 -47.87
N GLY B 14 -0.85 -6.70 -47.01
CA GLY B 14 -2.20 -6.89 -46.48
C GLY B 14 -2.58 -6.30 -45.13
N SER B 15 -1.89 -5.26 -44.69
CA SER B 15 -2.20 -4.71 -43.38
C SER B 15 -3.53 -3.96 -43.30
N MET B 16 -4.18 -3.72 -44.44
CA MET B 16 -5.49 -3.07 -44.46
C MET B 16 -6.63 -4.02 -44.87
N MET B 17 -6.37 -5.33 -44.83
CA MET B 17 -7.39 -6.32 -45.19
C MET B 17 -8.46 -6.23 -44.11
N PRO B 18 -9.72 -6.55 -44.48
CA PRO B 18 -10.16 -6.94 -45.81
C PRO B 18 -10.54 -5.74 -46.67
N THR B 19 -10.39 -4.55 -46.08
CA THR B 19 -10.73 -3.29 -46.75
C THR B 19 -9.90 -3.07 -48.04
N LEU B 20 -8.60 -3.31 -47.92
CA LEU B 20 -7.70 -3.22 -49.08
C LEU B 20 -6.95 -4.53 -49.10
N LEU B 21 -6.88 -5.13 -50.28
CA LEU B 21 -6.18 -6.39 -50.45
C LEU B 21 -4.94 -6.15 -51.32
N ILE B 22 -3.95 -7.02 -51.18
CA ILE B 22 -2.75 -6.95 -52.00
C ILE B 22 -3.29 -7.11 -53.43
N GLY B 23 -2.92 -6.20 -54.33
CA GLY B 23 -3.40 -6.32 -55.70
C GLY B 23 -4.47 -5.30 -56.03
N ASP B 24 -5.02 -4.65 -55.01
CA ASP B 24 -6.02 -3.61 -55.25
C ASP B 24 -5.31 -2.38 -55.79
N PHE B 25 -6.00 -1.61 -56.63
CA PHE B 25 -5.50 -0.35 -57.15
C PHE B 25 -6.50 0.65 -56.58
N ILE B 26 -6.01 1.70 -55.92
CA ILE B 26 -6.92 2.66 -55.32
C ILE B 26 -6.93 4.03 -55.94
N LEU B 27 -8.03 4.72 -55.69
CA LEU B 27 -8.27 6.06 -56.15
C LEU B 27 -7.95 6.89 -54.91
N VAL B 28 -7.05 7.85 -55.05
CA VAL B 28 -6.63 8.71 -53.96
C VAL B 28 -6.98 10.17 -54.20
N GLU B 29 -7.59 10.77 -53.20
CA GLU B 29 -7.99 12.17 -53.25
C GLU B 29 -7.00 12.92 -52.35
N LYS B 30 -6.10 13.70 -52.95
CA LYS B 30 -5.10 14.44 -52.19
C LYS B 30 -5.71 15.50 -51.26
N PHE B 31 -5.01 15.78 -50.17
CA PHE B 31 -5.50 16.77 -49.19
C PHE B 31 -5.17 18.19 -49.64
N GLY B 48 -6.90 20.13 -46.87
CA GLY B 48 -7.87 19.69 -45.89
C GLY B 48 -7.32 18.76 -44.83
N HIS B 49 -8.20 18.16 -44.03
CA HIS B 49 -7.81 17.23 -42.98
C HIS B 49 -8.62 15.94 -43.01
N PRO B 50 -7.99 14.82 -42.65
CA PRO B 50 -8.72 13.55 -42.65
C PRO B 50 -9.75 13.51 -41.55
N LYS B 51 -10.82 12.75 -41.75
CA LYS B 51 -11.87 12.63 -40.74
C LYS B 51 -11.57 11.31 -40.04
N ARG B 52 -12.09 11.11 -38.83
CA ARG B 52 -11.85 9.85 -38.15
C ARG B 52 -12.41 8.72 -38.99
N GLY B 53 -11.65 7.64 -39.11
CA GLY B 53 -12.11 6.52 -39.90
C GLY B 53 -11.66 6.61 -41.35
N ASP B 54 -11.08 7.74 -41.73
CA ASP B 54 -10.59 7.90 -43.10
C ASP B 54 -9.45 6.91 -43.38
N ILE B 55 -9.40 6.42 -44.61
CA ILE B 55 -8.34 5.52 -45.03
C ILE B 55 -7.38 6.56 -45.60
N VAL B 56 -6.23 6.72 -44.95
CA VAL B 56 -5.26 7.74 -45.31
C VAL B 56 -3.95 7.26 -45.88
N VAL B 57 -3.50 7.95 -46.92
CA VAL B 57 -2.22 7.63 -47.52
C VAL B 57 -1.26 8.65 -46.89
N PHE B 58 -0.13 8.20 -46.39
CA PHE B 58 0.83 9.09 -45.76
C PHE B 58 2.24 8.54 -45.86
N LYS B 59 3.22 9.43 -45.67
CA LYS B 59 4.63 9.05 -45.71
C LYS B 59 4.99 8.40 -44.38
N TYR B 60 5.57 7.22 -44.45
CA TYR B 60 5.98 6.49 -43.26
C TYR B 60 7.00 7.36 -42.49
N PRO B 61 6.64 7.82 -41.28
CA PRO B 61 7.55 8.66 -40.49
C PRO B 61 8.96 8.11 -40.27
N GLU B 62 9.11 6.80 -40.15
CA GLU B 62 10.41 6.18 -39.95
C GLU B 62 11.22 6.17 -41.25
N ASP B 63 10.52 6.17 -42.38
CA ASP B 63 11.14 6.16 -43.70
C ASP B 63 10.23 6.95 -44.65
N PRO B 64 10.26 8.29 -44.55
CA PRO B 64 9.46 9.21 -45.36
C PRO B 64 9.45 8.90 -46.87
N LYS B 65 10.30 7.98 -47.30
CA LYS B 65 10.38 7.61 -48.71
C LYS B 65 9.23 6.66 -49.05
N LEU B 66 8.88 5.81 -48.09
CA LEU B 66 7.82 4.82 -48.25
C LEU B 66 6.44 5.34 -47.91
N ASP B 67 5.46 5.08 -48.77
CA ASP B 67 4.10 5.51 -48.49
C ASP B 67 3.38 4.40 -47.74
N TYR B 68 2.57 4.79 -46.76
CA TYR B 68 1.80 3.83 -45.98
C TYR B 68 0.33 4.21 -46.12
N ILE B 69 -0.53 3.22 -45.88
CA ILE B 69 -1.97 3.43 -45.93
C ILE B 69 -2.51 2.77 -44.67
N LYS B 70 -3.21 3.55 -43.86
CA LYS B 70 -3.77 3.05 -42.61
C LYS B 70 -5.06 3.82 -42.41
N ARG B 71 -5.80 3.44 -41.38
CA ARG B 71 -7.04 4.13 -41.06
C ARG B 71 -6.79 5.10 -39.91
N ALA B 72 -7.20 6.35 -40.07
CA ALA B 72 -6.99 7.36 -39.02
C ALA B 72 -8.01 7.17 -37.91
N VAL B 73 -7.64 6.43 -36.88
CA VAL B 73 -8.57 6.24 -35.80
C VAL B 73 -8.47 7.32 -34.73
N GLY B 74 -7.31 7.97 -34.63
CA GLY B 74 -7.14 9.02 -33.64
C GLY B 74 -6.79 10.37 -34.24
N LEU B 75 -7.57 11.38 -33.91
CA LEU B 75 -7.34 12.73 -34.40
C LEU B 75 -6.69 13.52 -33.27
N PRO B 76 -6.06 14.67 -33.60
CA PRO B 76 -5.41 15.49 -32.57
C PRO B 76 -6.32 15.66 -31.36
N GLY B 77 -5.77 15.48 -30.18
CA GLY B 77 -6.55 15.65 -28.96
C GLY B 77 -7.23 14.38 -28.46
N ASP B 78 -7.35 13.38 -29.32
CA ASP B 78 -8.01 12.14 -28.94
C ASP B 78 -7.21 11.32 -27.94
N LYS B 79 -7.92 10.73 -26.98
CA LYS B 79 -7.27 9.84 -26.06
C LYS B 79 -7.71 8.49 -26.63
N VAL B 80 -6.75 7.76 -27.16
CA VAL B 80 -7.00 6.48 -27.78
C VAL B 80 -6.51 5.35 -26.92
N THR B 81 -7.38 4.39 -26.61
CA THR B 81 -6.98 3.23 -25.83
C THR B 81 -7.28 1.97 -26.62
N TYR B 82 -6.30 1.08 -26.72
CA TYR B 82 -6.49 -0.18 -27.41
C TYR B 82 -6.43 -1.30 -26.38
N ASP B 83 -7.46 -2.13 -26.37
CA ASP B 83 -7.51 -3.28 -25.48
C ASP B 83 -6.97 -4.45 -26.30
N PRO B 84 -5.73 -4.90 -26.02
CA PRO B 84 -5.14 -6.02 -26.78
C PRO B 84 -5.85 -7.34 -26.63
N VAL B 85 -6.55 -7.50 -25.51
CA VAL B 85 -7.24 -8.76 -25.31
C VAL B 85 -8.47 -8.87 -26.21
N SER B 86 -9.38 -7.91 -26.12
CA SER B 86 -10.57 -8.00 -26.96
C SER B 86 -10.33 -7.39 -28.36
N LYS B 87 -9.21 -6.70 -28.53
CA LYS B 87 -8.86 -6.05 -29.79
C LYS B 87 -9.91 -5.04 -30.18
N GLU B 88 -10.29 -4.23 -29.18
CA GLU B 88 -11.29 -3.18 -29.38
C GLU B 88 -10.72 -1.83 -28.95
N LEU B 89 -11.13 -0.77 -29.63
CA LEU B 89 -10.69 0.57 -29.31
C LEU B 89 -11.71 1.31 -28.44
N THR B 90 -11.20 2.22 -27.63
CA THR B 90 -12.03 3.09 -26.78
C THR B 90 -11.42 4.43 -27.15
N ILE B 91 -12.25 5.42 -27.47
CA ILE B 91 -11.75 6.73 -27.88
C ILE B 91 -12.46 7.87 -27.17
N GLN B 92 -11.67 8.78 -26.58
CA GLN B 92 -12.22 9.96 -25.89
C GLN B 92 -11.70 11.21 -26.61
N PRO B 93 -12.57 11.88 -27.37
CA PRO B 93 -12.24 13.09 -28.13
C PRO B 93 -11.90 14.28 -27.22
N GLY B 94 -11.24 15.28 -27.80
CA GLY B 94 -10.88 16.48 -27.05
C GLY B 94 -10.30 16.30 -25.67
N CYS B 95 -9.22 15.53 -25.56
CA CYS B 95 -8.54 15.32 -24.29
C CYS B 95 -7.22 16.07 -24.30
N CYS B 101 -11.91 16.61 -20.52
CA CYS B 101 -12.43 15.67 -21.48
C CYS B 101 -13.16 14.52 -20.79
N GLU B 102 -14.49 14.63 -20.82
CA GLU B 102 -15.37 13.68 -20.16
C GLU B 102 -16.25 12.91 -21.13
N ASN B 103 -16.12 13.17 -22.42
CA ASN B 103 -16.97 12.49 -23.37
C ASN B 103 -16.30 11.34 -24.11
N ALA B 104 -17.14 10.44 -24.60
CA ALA B 104 -16.67 9.28 -25.33
C ALA B 104 -17.20 9.28 -26.75
N LEU B 105 -16.43 8.69 -27.63
CA LEU B 105 -16.83 8.57 -29.02
C LEU B 105 -17.53 7.21 -29.05
N PRO B 106 -18.73 7.14 -29.63
CA PRO B 106 -19.41 5.84 -29.65
C PRO B 106 -18.57 4.91 -30.52
N VAL B 107 -18.12 3.79 -29.96
CA VAL B 107 -17.35 2.80 -30.73
C VAL B 107 -18.03 1.45 -30.47
N THR B 108 -18.54 0.82 -31.52
CA THR B 108 -19.23 -0.47 -31.35
C THR B 108 -18.73 -1.55 -32.30
N TYR B 109 -18.89 -2.80 -31.88
CA TYR B 109 -18.41 -3.95 -32.64
C TYR B 109 -19.50 -4.99 -32.86
N SER B 110 -19.51 -5.58 -34.05
CA SER B 110 -20.47 -6.64 -34.37
C SER B 110 -19.85 -7.93 -33.86
N ASN B 111 -20.62 -9.02 -33.91
CA ASN B 111 -20.10 -10.31 -33.48
C ASN B 111 -18.94 -10.77 -34.35
N VAL B 112 -18.02 -11.50 -33.74
CA VAL B 112 -16.87 -12.03 -34.48
C VAL B 112 -17.38 -13.21 -35.29
N GLU B 113 -16.87 -13.34 -36.52
CA GLU B 113 -17.28 -14.43 -37.41
C GLU B 113 -16.13 -14.82 -38.32
N PRO B 114 -16.18 -16.01 -38.94
CA PRO B 114 -15.10 -16.43 -39.84
C PRO B 114 -15.01 -15.46 -41.02
N SER B 115 -13.79 -15.13 -41.45
CA SER B 115 -13.62 -14.24 -42.61
C SER B 115 -13.42 -15.14 -43.82
N ASP B 116 -13.19 -14.52 -44.98
CA ASP B 116 -12.96 -15.25 -46.22
C ASP B 116 -11.47 -15.45 -46.42
N PHE B 117 -10.67 -15.16 -45.40
CA PHE B 117 -9.23 -15.29 -45.53
C PHE B 117 -8.54 -16.22 -44.57
N VAL B 118 -7.52 -16.90 -45.10
CA VAL B 118 -6.71 -17.83 -44.31
C VAL B 118 -5.28 -17.32 -44.41
N GLN B 119 -4.60 -17.27 -43.27
CA GLN B 119 -3.21 -16.80 -43.25
C GLN B 119 -2.34 -18.03 -43.06
N THR B 120 -1.32 -18.16 -43.90
CA THR B 120 -0.40 -19.31 -43.82
C THR B 120 1.00 -18.81 -43.61
N PHE B 121 1.67 -19.35 -42.60
CA PHE B 121 3.01 -18.93 -42.24
C PHE B 121 4.11 -19.84 -42.73
N SER B 122 5.32 -19.30 -42.69
CA SER B 122 6.50 -20.03 -43.09
C SER B 122 7.74 -19.23 -42.75
N ARG B 123 8.89 -19.89 -42.96
CA ARG B 123 10.24 -19.40 -42.74
C ARG B 123 10.45 -18.31 -41.74
N GLU B 128 13.77 -15.75 -40.54
CA GLU B 128 12.81 -14.65 -40.73
C GLU B 128 11.39 -15.18 -40.99
N ALA B 129 10.48 -14.94 -40.04
CA ALA B 129 9.09 -15.38 -40.15
C ALA B 129 8.30 -14.56 -41.18
N THR B 130 7.43 -15.21 -41.93
CA THR B 130 6.63 -14.55 -42.95
C THR B 130 5.32 -15.32 -43.16
N SER B 131 4.45 -14.78 -44.02
CA SER B 131 3.18 -15.43 -44.28
C SER B 131 2.53 -14.88 -45.53
N GLY B 132 1.49 -15.58 -45.97
CA GLY B 132 0.74 -15.15 -47.14
C GLY B 132 -0.73 -15.31 -46.78
N PHE B 133 -1.60 -14.60 -47.50
CA PHE B 133 -3.03 -14.64 -47.30
C PHE B 133 -3.71 -15.30 -48.50
N PHE B 134 -4.73 -16.12 -48.23
CA PHE B 134 -5.44 -16.81 -49.29
C PHE B 134 -6.92 -16.62 -49.06
N GLU B 135 -7.64 -16.27 -50.12
CA GLU B 135 -9.08 -16.12 -50.02
C GLU B 135 -9.64 -17.53 -50.17
N VAL B 136 -10.36 -17.96 -49.13
CA VAL B 136 -10.94 -19.29 -49.10
C VAL B 136 -12.41 -19.27 -48.69
N PRO B 137 -13.28 -19.84 -49.52
CA PRO B 137 -14.71 -19.85 -49.19
C PRO B 137 -14.92 -20.36 -47.76
N LYS B 138 -15.89 -19.75 -47.06
CA LYS B 138 -16.18 -20.13 -45.70
C LYS B 138 -16.61 -21.58 -45.55
N ASN B 139 -17.19 -22.16 -46.60
CA ASN B 139 -17.68 -23.54 -46.57
C ASN B 139 -16.61 -24.59 -46.88
N GLU B 140 -15.37 -24.15 -47.07
CA GLU B 140 -14.29 -25.09 -47.33
C GLU B 140 -13.08 -24.72 -46.52
N THR B 141 -12.08 -25.57 -46.54
CA THR B 141 -10.88 -25.30 -45.76
C THR B 141 -9.62 -25.38 -46.61
N LYS B 142 -8.55 -24.82 -46.07
CA LYS B 142 -7.25 -24.86 -46.72
C LYS B 142 -6.51 -25.76 -45.74
N GLU B 143 -5.75 -26.71 -46.27
CA GLU B 143 -5.06 -27.66 -45.41
C GLU B 143 -4.23 -27.00 -44.31
N ASN B 144 -3.37 -26.05 -44.70
CA ASN B 144 -2.52 -25.41 -43.71
C ASN B 144 -2.74 -23.92 -43.63
N GLY B 145 -2.88 -23.42 -42.41
CA GLY B 145 -3.07 -22.00 -42.19
C GLY B 145 -4.13 -21.78 -41.12
N ILE B 146 -4.43 -20.51 -40.82
CA ILE B 146 -5.45 -20.24 -39.83
C ILE B 146 -6.47 -19.28 -40.42
N ARG B 147 -7.74 -19.62 -40.30
CA ARG B 147 -8.77 -18.74 -40.83
C ARG B 147 -8.90 -17.53 -39.90
N LEU B 148 -8.73 -16.35 -40.47
CA LEU B 148 -8.84 -15.12 -39.70
C LEU B 148 -10.30 -14.84 -39.37
N SER B 149 -10.53 -14.15 -38.26
CA SER B 149 -11.88 -13.77 -37.88
C SER B 149 -12.09 -12.36 -38.39
N GLU B 150 -13.35 -11.96 -38.46
CA GLU B 150 -13.66 -10.61 -38.90
C GLU B 150 -14.86 -10.12 -38.12
N ARG B 151 -14.99 -8.80 -38.03
CA ARG B 151 -16.15 -8.21 -37.37
C ARG B 151 -16.18 -6.77 -37.85
N LYS B 152 -17.29 -6.10 -37.60
CA LYS B 152 -17.41 -4.73 -37.99
C LYS B 152 -17.06 -3.86 -36.82
N GLU B 153 -16.37 -2.77 -37.11
CA GLU B 153 -15.99 -1.78 -36.12
C GLU B 153 -16.60 -0.46 -36.56
N THR B 154 -17.35 0.15 -35.66
CA THR B 154 -17.98 1.43 -35.94
C THR B 154 -17.31 2.45 -35.02
N LEU B 155 -16.58 3.37 -35.64
CA LEU B 155 -15.88 4.46 -34.93
C LEU B 155 -16.75 5.66 -35.16
N GLY B 156 -17.56 6.01 -34.17
CA GLY B 156 -18.45 7.13 -34.35
C GLY B 156 -19.48 6.78 -35.40
N ASP B 157 -19.33 7.35 -36.59
CA ASP B 157 -20.29 7.10 -37.67
C ASP B 157 -19.70 6.32 -38.84
N VAL B 158 -18.45 5.87 -38.70
CA VAL B 158 -17.80 5.13 -39.77
C VAL B 158 -17.72 3.65 -39.43
N THR B 159 -18.38 2.82 -40.22
CA THR B 159 -18.35 1.38 -40.00
C THR B 159 -17.47 0.72 -41.06
N HIS B 160 -16.61 -0.20 -40.64
CA HIS B 160 -15.73 -0.91 -41.56
C HIS B 160 -15.40 -2.24 -40.89
N ARG B 161 -14.72 -3.11 -41.63
CA ARG B 161 -14.34 -4.38 -41.06
C ARG B 161 -12.88 -4.40 -40.63
N ILE B 162 -12.59 -5.34 -39.75
CA ILE B 162 -11.23 -5.61 -39.31
C ILE B 162 -11.12 -7.13 -39.32
N LEU B 163 -9.88 -7.62 -39.46
CA LEU B 163 -9.61 -9.05 -39.37
C LEU B 163 -8.75 -9.21 -38.15
N THR B 164 -8.86 -10.36 -37.50
CA THR B 164 -8.03 -10.65 -36.34
C THR B 164 -7.59 -12.09 -36.46
N VAL B 165 -6.40 -12.37 -35.93
CA VAL B 165 -5.81 -13.70 -35.93
C VAL B 165 -6.19 -14.23 -34.55
N PRO B 166 -7.03 -15.27 -34.48
CA PRO B 166 -7.48 -15.84 -33.21
C PRO B 166 -6.43 -16.20 -32.15
N ILE B 167 -5.26 -16.67 -32.57
CA ILE B 167 -4.24 -17.09 -31.61
C ILE B 167 -3.22 -16.01 -31.23
N ALA B 168 -3.35 -14.82 -31.81
CA ALA B 168 -2.41 -13.75 -31.55
C ALA B 168 -2.94 -12.68 -30.62
N GLN B 169 -2.01 -12.07 -29.90
CA GLN B 169 -2.36 -10.98 -29.00
C GLN B 169 -1.15 -10.06 -28.97
N ASP B 170 -1.38 -8.76 -29.16
CA ASP B 170 -0.31 -7.76 -29.13
C ASP B 170 0.46 -7.91 -27.82
N GLN B 171 1.77 -7.69 -27.87
CA GLN B 171 2.58 -7.72 -26.65
C GLN B 171 2.78 -6.24 -26.37
N VAL B 172 2.05 -5.72 -25.38
CA VAL B 172 2.10 -4.29 -25.09
C VAL B 172 3.51 -3.78 -24.79
N GLY B 173 4.39 -4.66 -24.34
CA GLY B 173 5.76 -4.26 -24.06
C GLY B 173 6.49 -3.85 -25.34
N MET B 174 5.91 -4.19 -26.48
CA MET B 174 6.47 -3.87 -27.79
C MET B 174 5.91 -2.59 -28.38
N TYR B 175 4.91 -2.01 -27.72
CA TYR B 175 4.31 -0.78 -28.22
C TYR B 175 5.19 0.45 -28.07
N TYR B 176 4.82 1.51 -28.78
CA TYR B 176 5.46 2.79 -28.61
C TYR B 176 4.73 3.24 -27.35
N GLN B 177 5.49 3.53 -26.28
CA GLN B 177 4.84 3.94 -25.06
C GLN B 177 4.99 5.45 -24.92
N GLN B 178 3.88 6.19 -24.98
CA GLN B 178 3.94 7.63 -24.88
C GLN B 178 4.32 8.05 -23.46
N PRO B 179 5.36 8.89 -23.33
CA PRO B 179 5.80 9.35 -22.00
C PRO B 179 4.64 9.78 -21.09
N GLY B 180 4.61 9.24 -19.89
CA GLY B 180 3.57 9.58 -18.94
C GLY B 180 2.25 8.83 -19.09
N GLN B 181 2.10 8.05 -20.16
CA GLN B 181 0.86 7.29 -20.36
C GLN B 181 1.15 5.84 -20.09
N GLN B 182 0.13 5.09 -19.68
CA GLN B 182 0.32 3.68 -19.44
C GLN B 182 0.39 3.04 -20.81
N LEU B 183 0.85 1.80 -20.87
CA LEU B 183 0.95 1.10 -22.12
C LEU B 183 -0.44 0.97 -22.71
N ALA B 184 -0.54 1.08 -24.03
CA ALA B 184 -1.82 0.95 -24.76
C ALA B 184 -2.81 2.12 -24.69
N THR B 185 -2.35 3.27 -24.20
CA THR B 185 -3.17 4.48 -24.18
C THR B 185 -2.31 5.60 -24.80
N TRP B 186 -2.88 6.37 -25.73
CA TRP B 186 -2.12 7.42 -26.39
C TRP B 186 -2.99 8.65 -26.54
N ILE B 187 -2.40 9.80 -26.27
CA ILE B 187 -3.08 11.07 -26.40
C ILE B 187 -2.52 11.59 -27.70
N VAL B 188 -3.38 11.82 -28.69
CA VAL B 188 -2.87 12.27 -29.97
C VAL B 188 -2.47 13.75 -29.91
N PRO B 189 -1.18 14.02 -30.15
CA PRO B 189 -0.70 15.41 -30.13
C PRO B 189 -1.30 16.27 -31.21
N PRO B 190 -1.35 17.60 -30.97
CA PRO B 190 -1.92 18.46 -32.01
C PRO B 190 -1.10 18.29 -33.29
N GLY B 191 -1.78 18.39 -34.43
CA GLY B 191 -1.11 18.25 -35.71
C GLY B 191 -0.66 16.84 -36.07
N GLN B 192 -1.07 15.83 -35.30
CA GLN B 192 -0.68 14.47 -35.60
C GLN B 192 -1.86 13.50 -35.55
N TYR B 193 -1.65 12.28 -36.01
CA TYR B 193 -2.75 11.30 -36.06
C TYR B 193 -2.35 9.91 -35.61
N PHE B 194 -3.30 9.18 -35.06
CA PHE B 194 -3.03 7.81 -34.64
C PHE B 194 -3.65 6.92 -35.73
N MET B 195 -2.78 6.16 -36.40
CA MET B 195 -3.12 5.27 -37.51
C MET B 195 -3.13 3.81 -37.12
N MET B 196 -4.10 3.07 -37.64
CA MET B 196 -4.18 1.62 -37.41
C MET B 196 -4.65 0.86 -38.64
N GLY B 197 -4.09 -0.34 -38.84
CA GLY B 197 -4.49 -1.13 -39.98
C GLY B 197 -5.71 -2.01 -39.69
N ASP B 198 -6.55 -2.22 -40.70
CA ASP B 198 -7.73 -3.05 -40.49
C ASP B 198 -7.39 -4.52 -40.24
N ASN B 199 -6.23 -4.97 -40.72
CA ASN B 199 -5.80 -6.35 -40.51
C ASN B 199 -5.05 -6.18 -39.20
N ARG B 200 -5.83 -6.07 -38.12
CA ARG B 200 -5.31 -5.72 -36.82
C ARG B 200 -4.14 -6.42 -36.16
N ASP B 201 -3.96 -7.70 -36.45
CA ASP B 201 -2.83 -8.44 -35.90
C ASP B 201 -1.70 -8.58 -36.91
N ASN B 202 -1.87 -7.95 -38.08
CA ASN B 202 -0.87 -8.00 -39.15
C ASN B 202 -0.64 -6.59 -39.64
N SER B 203 -0.41 -5.69 -38.70
CA SER B 203 -0.23 -4.29 -39.04
C SER B 203 0.78 -3.60 -38.14
N ALA B 204 1.82 -3.02 -38.75
CA ALA B 204 2.82 -2.28 -37.99
C ALA B 204 2.33 -0.84 -38.12
N ASP B 205 1.59 -0.38 -37.13
CA ASP B 205 1.04 0.94 -37.21
C ASP B 205 1.44 1.82 -36.01
N SER B 206 0.66 2.87 -35.73
CA SER B 206 0.98 3.78 -34.65
C SER B 206 1.17 3.12 -33.30
N ARG B 207 0.54 1.97 -33.09
CA ARG B 207 0.73 1.26 -31.81
C ARG B 207 2.20 0.99 -31.56
N TYR B 208 2.93 0.83 -32.66
CA TYR B 208 4.34 0.49 -32.59
C TYR B 208 5.33 1.61 -32.87
N TRP B 209 4.98 2.53 -33.76
CA TRP B 209 5.90 3.63 -34.06
C TRP B 209 5.40 5.06 -33.82
N GLY B 210 4.31 5.20 -33.08
CA GLY B 210 3.84 6.54 -32.78
C GLY B 210 2.94 7.22 -33.78
N PHE B 211 2.85 8.54 -33.68
CA PHE B 211 1.95 9.31 -34.52
C PHE B 211 2.49 9.76 -35.87
N VAL B 212 1.56 10.18 -36.72
CA VAL B 212 1.91 10.67 -38.05
C VAL B 212 1.59 12.16 -38.14
N PRO B 213 2.61 12.99 -38.39
CA PRO B 213 2.46 14.44 -38.50
C PRO B 213 1.59 14.85 -39.70
N GLU B 214 0.90 15.99 -39.54
CA GLU B 214 0.04 16.55 -40.57
C GLU B 214 0.82 16.70 -41.88
N ALA B 215 2.12 16.98 -41.75
CA ALA B 215 3.00 17.18 -42.89
C ALA B 215 3.27 15.91 -43.71
N ASN B 216 3.09 14.73 -43.11
CA ASN B 216 3.32 13.47 -43.81
C ASN B 216 2.10 12.97 -44.58
N LEU B 217 0.98 13.65 -44.40
CA LEU B 217 -0.25 13.25 -45.06
C LEU B 217 -0.21 13.50 -46.56
N VAL B 218 -0.75 12.54 -47.31
CA VAL B 218 -0.79 12.61 -48.77
C VAL B 218 -2.23 12.75 -49.26
N GLY B 219 -3.09 11.83 -48.85
CA GLY B 219 -4.47 11.90 -49.28
C GLY B 219 -5.35 10.84 -48.64
N ARG B 220 -6.57 10.70 -49.12
CA ARG B 220 -7.49 9.70 -48.59
C ARG B 220 -7.86 8.71 -49.70
N ALA B 221 -7.83 7.43 -49.37
CA ALA B 221 -8.19 6.41 -50.35
C ALA B 221 -9.69 6.37 -50.38
N THR B 222 -10.28 6.70 -51.52
CA THR B 222 -11.74 6.74 -51.64
C THR B 222 -12.37 5.55 -52.35
N ALA B 223 -11.60 4.84 -53.15
CA ALA B 223 -12.17 3.72 -53.86
C ALA B 223 -11.12 2.79 -54.44
N ILE B 224 -11.59 1.63 -54.90
CA ILE B 224 -10.75 0.63 -55.54
C ILE B 224 -11.21 0.71 -57.01
N TRP B 225 -10.29 1.01 -57.91
CA TRP B 225 -10.69 1.10 -59.32
C TRP B 225 -10.32 -0.11 -60.16
N MET B 226 -9.50 -0.98 -59.58
CA MET B 226 -9.08 -2.18 -60.26
C MET B 226 -8.51 -3.10 -59.20
N SER B 227 -8.53 -4.39 -59.46
CA SER B 227 -7.97 -5.31 -58.49
C SER B 227 -7.48 -6.58 -59.19
N PHE B 228 -6.19 -6.84 -59.02
CA PHE B 228 -5.58 -8.02 -59.64
C PHE B 228 -4.99 -8.89 -58.54
N ASP B 229 -5.28 -10.17 -58.62
CA ASP B 229 -4.79 -11.08 -57.61
C ASP B 229 -3.72 -11.98 -58.21
N LEU B 239 -8.29 -11.30 -61.47
CA LEU B 239 -9.11 -10.05 -61.42
C LEU B 239 -10.25 -10.20 -60.42
N ARG B 240 -10.34 -9.24 -59.51
CA ARG B 240 -11.40 -9.23 -58.51
C ARG B 240 -12.28 -8.03 -58.80
N LEU B 241 -13.08 -8.13 -59.85
CA LEU B 241 -13.87 -7.00 -60.27
C LEU B 241 -14.94 -6.60 -59.29
N SER B 242 -15.35 -7.53 -58.43
CA SER B 242 -16.38 -7.20 -57.45
C SER B 242 -15.87 -6.18 -56.45
N ARG B 243 -14.55 -6.03 -56.36
CA ARG B 243 -13.97 -5.09 -55.40
C ARG B 243 -13.96 -3.66 -55.92
N ILE B 244 -14.21 -3.46 -57.22
CA ILE B 244 -14.19 -2.12 -57.78
C ILE B 244 -15.38 -1.32 -57.24
N GLY B 245 -15.09 -0.15 -56.70
CA GLY B 245 -16.14 0.68 -56.11
C GLY B 245 -15.60 1.48 -54.95
N GLY B 246 -16.48 2.24 -54.30
CA GLY B 246 -16.03 3.05 -53.18
C GLY B 246 -15.65 2.21 -51.97
N ILE B 247 -14.79 2.76 -51.12
CA ILE B 247 -14.40 2.06 -49.91
C ILE B 247 -14.57 3.04 -48.76
N HIS B 248 -14.52 2.56 -47.54
CA HIS B 248 -14.64 3.45 -46.40
C HIS B 248 -14.06 2.82 -45.15
N SER C 3 -28.17 -33.68 1.39
CA SER C 3 -29.43 -33.07 1.89
C SER C 3 -29.89 -31.95 0.97
N PHE C 4 -31.16 -31.98 0.63
CA PHE C 4 -31.74 -30.99 -0.26
C PHE C 4 -32.75 -30.11 0.46
N ILE C 5 -32.80 -28.84 0.03
CA ILE C 5 -33.73 -27.91 0.62
C ILE C 5 -34.44 -27.18 -0.50
N TYR C 6 -35.76 -27.28 -0.49
CA TYR C 6 -36.63 -26.62 -1.46
C TYR C 6 -36.89 -25.28 -0.78
N GLU C 7 -36.02 -24.30 -1.06
CA GLU C 7 -36.12 -22.99 -0.44
C GLU C 7 -37.52 -22.42 -0.59
N PRO C 8 -38.11 -21.98 0.53
CA PRO C 8 -39.46 -21.43 0.58
C PRO C 8 -39.61 -19.97 0.18
N PHE C 9 -38.52 -19.24 0.06
CA PHE C 9 -38.62 -17.83 -0.32
C PHE C 9 -38.08 -17.57 -1.71
N GLN C 10 -38.77 -16.75 -2.49
CA GLN C 10 -38.34 -16.48 -3.84
C GLN C 10 -37.03 -15.71 -3.94
N ILE C 11 -36.39 -15.84 -5.10
CA ILE C 11 -35.17 -15.10 -5.38
C ILE C 11 -35.67 -13.67 -5.48
N PRO C 12 -35.06 -12.73 -4.75
CA PRO C 12 -35.52 -11.34 -4.79
C PRO C 12 -34.82 -10.34 -5.70
N SER C 13 -33.64 -10.71 -6.21
CA SER C 13 -32.83 -9.82 -7.04
C SER C 13 -32.41 -10.49 -8.36
N GLY C 14 -32.14 -9.67 -9.37
CA GLY C 14 -31.84 -10.24 -10.69
C GLY C 14 -30.37 -10.41 -11.05
N SER C 15 -29.50 -10.48 -10.06
CA SER C 15 -28.06 -10.59 -10.37
C SER C 15 -27.61 -11.90 -11.01
N MET C 16 -28.48 -12.90 -11.03
CA MET C 16 -28.15 -14.18 -11.66
C MET C 16 -28.98 -14.48 -12.92
N MET C 17 -29.67 -13.46 -13.42
CA MET C 17 -30.44 -13.63 -14.65
C MET C 17 -29.47 -13.94 -15.79
N PRO C 18 -29.92 -14.71 -16.78
CA PRO C 18 -31.28 -15.27 -16.93
C PRO C 18 -31.44 -16.63 -16.26
N THR C 19 -30.36 -17.11 -15.66
CA THR C 19 -30.33 -18.41 -15.00
C THR C 19 -31.36 -18.46 -13.88
N LEU C 20 -31.37 -17.41 -13.05
CA LEU C 20 -32.33 -17.29 -11.97
C LEU C 20 -32.97 -15.92 -12.11
N LEU C 21 -34.31 -15.90 -12.08
CA LEU C 21 -35.07 -14.66 -12.18
C LEU C 21 -35.68 -14.35 -10.84
N ILE C 22 -35.99 -13.09 -10.63
CA ILE C 22 -36.66 -12.68 -9.41
C ILE C 22 -37.98 -13.47 -9.44
N GLY C 23 -38.33 -14.11 -8.34
CA GLY C 23 -39.55 -14.89 -8.33
C GLY C 23 -39.33 -16.41 -8.46
N ASP C 24 -38.12 -16.83 -8.80
CA ASP C 24 -37.86 -18.26 -8.89
C ASP C 24 -37.69 -18.77 -7.47
N PHE C 25 -38.00 -20.05 -7.25
CA PHE C 25 -37.82 -20.69 -5.94
C PHE C 25 -36.81 -21.80 -6.23
N ILE C 26 -35.69 -21.81 -5.52
CA ILE C 26 -34.70 -22.81 -5.83
C ILE C 26 -34.53 -24.02 -4.92
N LEU C 27 -33.99 -25.07 -5.53
CA LEU C 27 -33.67 -26.30 -4.82
C LEU C 27 -32.17 -26.16 -4.56
N VAL C 28 -31.76 -26.32 -3.32
CA VAL C 28 -30.36 -26.21 -2.93
C VAL C 28 -29.87 -27.52 -2.33
N GLU C 29 -28.74 -28.00 -2.82
CA GLU C 29 -28.12 -29.20 -2.26
C GLU C 29 -27.05 -28.67 -1.31
N LYS C 30 -27.24 -28.87 -0.02
CA LYS C 30 -26.26 -28.40 0.93
C LYS C 30 -25.00 -29.25 0.86
N PHE C 31 -23.85 -28.58 0.82
CA PHE C 31 -22.57 -29.26 0.73
C PHE C 31 -22.33 -30.22 1.90
N ALA C 32 -23.01 -30.00 3.03
CA ALA C 32 -22.85 -30.87 4.20
C ALA C 32 -23.83 -32.04 4.17
N THR C 47 -18.49 -32.44 4.16
CA THR C 47 -18.75 -31.33 3.26
C THR C 47 -18.20 -31.55 1.86
N GLY C 48 -18.87 -30.99 0.87
CA GLY C 48 -18.42 -31.11 -0.51
C GLY C 48 -18.01 -29.73 -1.00
N HIS C 49 -17.15 -29.64 -2.01
CA HIS C 49 -16.70 -28.34 -2.55
C HIS C 49 -16.80 -28.15 -4.06
N PRO C 50 -17.30 -26.96 -4.46
CA PRO C 50 -17.53 -26.50 -5.82
C PRO C 50 -16.47 -26.55 -6.90
N LYS C 51 -16.97 -26.77 -8.11
CA LYS C 51 -16.16 -26.85 -9.32
C LYS C 51 -16.47 -25.56 -10.05
N ARG C 52 -15.62 -25.19 -11.02
CA ARG C 52 -15.85 -23.98 -11.76
C ARG C 52 -17.18 -24.04 -12.46
N GLY C 53 -17.94 -22.95 -12.35
CA GLY C 53 -19.24 -22.90 -12.99
C GLY C 53 -20.40 -23.29 -12.09
N ASP C 54 -20.13 -23.78 -10.88
CA ASP C 54 -21.23 -24.13 -9.97
C ASP C 54 -21.99 -22.89 -9.52
N ILE C 55 -23.31 -23.04 -9.39
CA ILE C 55 -24.16 -21.96 -8.89
C ILE C 55 -24.14 -22.22 -7.38
N VAL C 56 -23.44 -21.33 -6.68
CA VAL C 56 -23.25 -21.48 -5.24
C VAL C 56 -24.00 -20.52 -4.32
N VAL C 57 -24.61 -21.07 -3.27
CA VAL C 57 -25.29 -20.26 -2.27
C VAL C 57 -24.24 -20.09 -1.18
N PHE C 58 -24.06 -18.86 -0.69
CA PHE C 58 -23.07 -18.61 0.37
C PHE C 58 -23.45 -17.43 1.22
N LYS C 59 -22.80 -17.32 2.38
CA LYS C 59 -23.06 -16.21 3.28
C LYS C 59 -22.23 -15.03 2.79
N TYR C 60 -22.91 -13.92 2.50
CA TYR C 60 -22.26 -12.72 2.01
C TYR C 60 -21.15 -12.32 2.99
N PRO C 61 -19.89 -12.38 2.53
CA PRO C 61 -18.75 -12.02 3.40
C PRO C 61 -18.84 -10.66 4.08
N GLU C 62 -19.57 -9.72 3.50
CA GLU C 62 -19.68 -8.37 4.10
C GLU C 62 -20.79 -8.32 5.16
N ASP C 63 -21.85 -9.09 4.94
CA ASP C 63 -23.00 -9.14 5.84
C ASP C 63 -23.44 -10.62 5.87
N PRO C 64 -22.67 -11.48 6.56
CA PRO C 64 -22.88 -12.92 6.71
C PRO C 64 -24.27 -13.38 7.15
N LYS C 65 -25.13 -12.46 7.55
CA LYS C 65 -26.48 -12.80 7.96
C LYS C 65 -27.32 -12.93 6.68
N LEU C 66 -26.73 -12.52 5.56
CA LEU C 66 -27.39 -12.58 4.26
C LEU C 66 -26.85 -13.68 3.35
N ASP C 67 -27.74 -14.36 2.65
CA ASP C 67 -27.32 -15.40 1.72
C ASP C 67 -27.25 -14.79 0.33
N TYR C 68 -26.19 -15.10 -0.40
CA TYR C 68 -26.03 -14.63 -1.78
C TYR C 68 -25.93 -15.85 -2.70
N ILE C 69 -26.28 -15.66 -3.96
CA ILE C 69 -26.12 -16.74 -4.93
C ILE C 69 -25.36 -16.15 -6.11
N LYS C 70 -24.25 -16.79 -6.47
CA LYS C 70 -23.41 -16.33 -7.57
C LYS C 70 -22.84 -17.59 -8.21
N ARG C 71 -22.11 -17.44 -9.29
CA ARG C 71 -21.49 -18.60 -9.93
C ARG C 71 -20.00 -18.59 -9.58
N ALA C 72 -19.44 -19.74 -9.22
CA ALA C 72 -18.02 -19.80 -8.87
C ALA C 72 -17.24 -19.85 -10.17
N VAL C 73 -16.49 -18.80 -10.41
CA VAL C 73 -15.69 -18.67 -11.63
C VAL C 73 -14.23 -19.00 -11.32
N GLY C 74 -13.77 -18.54 -10.16
CA GLY C 74 -12.39 -18.81 -9.77
C GLY C 74 -12.25 -19.73 -8.58
N LEU C 75 -11.36 -20.70 -8.70
CA LEU C 75 -11.08 -21.65 -7.63
C LEU C 75 -9.71 -21.28 -7.05
N PRO C 76 -9.38 -21.77 -5.85
CA PRO C 76 -8.09 -21.45 -5.22
C PRO C 76 -6.93 -21.60 -6.19
N GLY C 77 -6.05 -20.60 -6.22
CA GLY C 77 -4.92 -20.67 -7.12
C GLY C 77 -5.17 -20.02 -8.48
N ASP C 78 -6.44 -19.87 -8.86
CA ASP C 78 -6.76 -19.29 -10.18
C ASP C 78 -6.40 -17.82 -10.32
N LYS C 79 -5.84 -17.45 -11.47
CA LYS C 79 -5.62 -16.04 -11.75
C LYS C 79 -6.86 -15.70 -12.60
N VAL C 80 -7.70 -14.82 -12.09
CA VAL C 80 -8.92 -14.43 -12.79
C VAL C 80 -8.76 -13.02 -13.32
N THR C 81 -9.03 -12.83 -14.60
CA THR C 81 -8.95 -11.49 -15.17
C THR C 81 -10.27 -11.22 -15.86
N TYR C 82 -10.86 -10.07 -15.56
CA TYR C 82 -12.11 -9.67 -16.20
C TYR C 82 -11.79 -8.47 -17.09
N ASP C 83 -12.13 -8.59 -18.37
CA ASP C 83 -11.91 -7.51 -19.33
C ASP C 83 -13.24 -6.77 -19.29
N PRO C 84 -13.27 -5.56 -18.69
CA PRO C 84 -14.53 -4.82 -18.60
C PRO C 84 -15.06 -4.22 -19.90
N VAL C 85 -14.19 -4.12 -20.90
CA VAL C 85 -14.60 -3.58 -22.18
C VAL C 85 -15.37 -4.62 -22.97
N SER C 86 -14.82 -5.82 -23.08
CA SER C 86 -15.47 -6.89 -23.83
C SER C 86 -16.39 -7.73 -22.94
N LYS C 87 -16.28 -7.55 -21.62
CA LYS C 87 -17.05 -8.27 -20.62
C LYS C 87 -16.81 -9.77 -20.75
N GLU C 88 -15.54 -10.14 -20.80
CA GLU C 88 -15.15 -11.53 -20.93
C GLU C 88 -14.10 -11.88 -19.88
N LEU C 89 -14.22 -13.08 -19.35
CA LEU C 89 -13.30 -13.56 -18.34
C LEU C 89 -12.15 -14.34 -18.94
N THR C 90 -11.02 -14.31 -18.25
CA THR C 90 -9.86 -15.11 -18.64
C THR C 90 -9.52 -15.83 -17.32
N ILE C 91 -9.17 -17.11 -17.39
CA ILE C 91 -8.83 -17.88 -16.20
C ILE C 91 -7.55 -18.69 -16.42
N GLN C 92 -6.55 -18.47 -15.58
CA GLN C 92 -5.28 -19.19 -15.66
C GLN C 92 -5.11 -19.92 -14.31
N PRO C 93 -5.29 -21.25 -14.31
CA PRO C 93 -5.18 -22.07 -13.10
C PRO C 93 -3.78 -22.23 -12.54
N GLY C 94 -3.73 -22.63 -11.27
CA GLY C 94 -2.44 -22.85 -10.61
C GLY C 94 -1.55 -21.64 -10.62
N CYS C 95 -2.10 -20.50 -10.21
CA CYS C 95 -1.33 -19.28 -10.18
C CYS C 95 -1.29 -18.64 -8.81
N SER C 96 -0.39 -19.08 -7.94
CA SER C 96 -0.36 -18.47 -6.61
C SER C 96 1.04 -18.05 -6.16
N SER C 97 2.06 -18.51 -6.91
CA SER C 97 3.46 -18.25 -6.58
C SER C 97 4.40 -18.08 -7.78
N GLY C 98 5.69 -18.23 -7.47
CA GLY C 98 6.77 -18.07 -8.43
C GLY C 98 6.40 -18.61 -9.81
N GLN C 99 5.70 -17.79 -10.61
CA GLN C 99 5.31 -18.13 -11.97
C GLN C 99 4.68 -16.97 -12.71
N ALA C 100 5.08 -16.80 -13.96
CA ALA C 100 4.47 -15.80 -14.85
C ALA C 100 3.39 -16.75 -15.32
N CYS C 101 2.19 -16.64 -14.77
CA CYS C 101 1.21 -17.64 -15.12
C CYS C 101 0.42 -17.66 -16.40
N GLU C 102 1.10 -18.44 -17.22
CA GLU C 102 0.91 -18.94 -18.55
C GLU C 102 -0.46 -19.30 -19.10
N ASN C 103 -0.71 -20.58 -18.82
CA ASN C 103 -1.68 -21.41 -19.58
C ASN C 103 -3.02 -21.03 -19.02
N ALA C 104 -3.96 -20.88 -19.94
CA ALA C 104 -5.32 -20.50 -19.61
C ALA C 104 -6.30 -21.65 -19.85
N LEU C 105 -7.36 -21.68 -19.05
CA LEU C 105 -8.44 -22.64 -19.23
C LEU C 105 -9.29 -21.72 -20.11
N PRO C 106 -9.44 -22.04 -21.40
CA PRO C 106 -10.22 -21.17 -22.29
C PRO C 106 -11.65 -20.90 -21.87
N VAL C 107 -12.03 -19.63 -21.87
CA VAL C 107 -13.41 -19.32 -21.57
C VAL C 107 -13.93 -18.93 -22.95
N THR C 108 -14.90 -19.67 -23.47
CA THR C 108 -15.38 -19.36 -24.80
C THR C 108 -16.77 -18.77 -24.79
N TYR C 109 -16.99 -17.85 -25.74
CA TYR C 109 -18.25 -17.11 -25.82
C TYR C 109 -18.99 -17.24 -27.14
N SER C 110 -20.30 -17.35 -27.09
CA SER C 110 -21.10 -17.43 -28.33
C SER C 110 -21.42 -15.99 -28.75
N ASN C 111 -22.15 -15.85 -29.86
CA ASN C 111 -22.50 -14.52 -30.35
C ASN C 111 -23.34 -13.77 -29.35
N VAL C 112 -23.19 -12.44 -29.34
CA VAL C 112 -23.99 -11.61 -28.48
C VAL C 112 -25.32 -11.43 -29.24
N GLU C 113 -26.44 -11.63 -28.57
CA GLU C 113 -27.75 -11.49 -29.21
C GLU C 113 -28.74 -10.82 -28.24
N PRO C 114 -29.84 -10.25 -28.75
CA PRO C 114 -30.78 -9.63 -27.82
C PRO C 114 -31.42 -10.72 -26.97
N SER C 115 -31.62 -10.43 -25.68
CA SER C 115 -32.25 -11.39 -24.78
C SER C 115 -33.75 -11.07 -24.76
N ASP C 116 -34.48 -11.81 -23.94
CA ASP C 116 -35.93 -11.63 -23.79
C ASP C 116 -36.19 -10.67 -22.63
N PHE C 117 -35.14 -10.02 -22.15
CA PHE C 117 -35.30 -9.13 -21.01
C PHE C 117 -34.99 -7.67 -21.27
N VAL C 118 -35.82 -6.83 -20.67
CA VAL C 118 -35.67 -5.40 -20.80
C VAL C 118 -35.54 -4.87 -19.39
N GLN C 119 -34.54 -4.04 -19.17
CA GLN C 119 -34.32 -3.45 -17.87
C GLN C 119 -34.76 -1.99 -17.89
N THR C 120 -35.53 -1.61 -16.88
CA THR C 120 -36.05 -0.26 -16.77
C THR C 120 -35.56 0.31 -15.43
N PHE C 121 -35.26 1.60 -15.38
CA PHE C 121 -34.77 2.18 -14.14
C PHE C 121 -35.71 3.22 -13.51
N SER C 122 -35.33 3.70 -12.32
CA SER C 122 -36.06 4.72 -11.57
C SER C 122 -35.55 4.88 -10.14
N ALA C 129 -31.76 4.95 -6.77
CA ALA C 129 -31.38 4.15 -7.92
C ALA C 129 -31.96 2.74 -7.82
N THR C 130 -32.94 2.44 -8.66
CA THR C 130 -33.58 1.13 -8.67
C THR C 130 -33.96 0.73 -10.09
N SER C 131 -34.06 -0.56 -10.35
CA SER C 131 -34.40 -1.02 -11.67
C SER C 131 -35.33 -2.23 -11.65
N GLY C 132 -36.03 -2.43 -12.75
CA GLY C 132 -36.95 -3.53 -12.89
C GLY C 132 -36.63 -4.31 -14.16
N PHE C 133 -36.99 -5.58 -14.18
CA PHE C 133 -36.73 -6.43 -15.34
C PHE C 133 -38.05 -6.94 -15.87
N PHE C 134 -38.26 -6.79 -17.17
CA PHE C 134 -39.48 -7.22 -17.83
C PHE C 134 -39.15 -8.19 -18.93
N GLU C 135 -39.94 -9.25 -19.03
CA GLU C 135 -39.76 -10.22 -20.09
C GLU C 135 -40.56 -9.69 -21.29
N VAL C 136 -39.85 -9.34 -22.35
CA VAL C 136 -40.46 -8.79 -23.55
C VAL C 136 -39.99 -9.58 -24.78
N PRO C 137 -40.93 -10.15 -25.56
CA PRO C 137 -40.55 -10.91 -26.76
C PRO C 137 -39.58 -10.10 -27.62
N LYS C 138 -38.62 -10.77 -28.24
CA LYS C 138 -37.64 -10.11 -29.09
C LYS C 138 -38.34 -9.45 -30.27
N ASN C 139 -39.51 -9.97 -30.61
CA ASN C 139 -40.34 -9.48 -31.71
C ASN C 139 -40.77 -8.07 -31.46
N GLU C 140 -41.32 -7.89 -30.26
CA GLU C 140 -41.91 -6.64 -29.81
C GLU C 140 -40.96 -5.63 -29.20
N THR C 141 -40.71 -4.56 -29.95
CA THR C 141 -39.83 -3.49 -29.51
C THR C 141 -40.20 -3.11 -28.09
N LYS C 142 -39.17 -3.00 -27.25
CA LYS C 142 -39.36 -2.63 -25.87
C LYS C 142 -39.88 -1.20 -25.83
N GLU C 143 -40.81 -0.92 -24.91
CA GLU C 143 -41.33 0.43 -24.80
C GLU C 143 -40.24 1.23 -24.12
N ASN C 144 -40.27 1.31 -22.79
CA ASN C 144 -39.23 2.01 -22.08
C ASN C 144 -38.22 0.98 -21.59
N GLY C 145 -36.99 1.41 -21.28
CA GLY C 145 -35.99 0.48 -20.80
C GLY C 145 -34.93 0.15 -21.83
N ILE C 146 -34.03 -0.75 -21.47
CA ILE C 146 -33.00 -1.14 -22.41
C ILE C 146 -32.99 -2.65 -22.53
N ARG C 147 -33.05 -3.15 -23.76
CA ARG C 147 -33.05 -4.59 -23.93
C ARG C 147 -31.66 -5.10 -23.62
N LEU C 148 -31.60 -6.08 -22.73
CA LEU C 148 -30.32 -6.66 -22.35
C LEU C 148 -29.84 -7.64 -23.41
N SER C 149 -28.53 -7.72 -23.60
CA SER C 149 -27.96 -8.68 -24.57
C SER C 149 -27.69 -9.95 -23.80
N GLU C 150 -27.51 -11.05 -24.52
CA GLU C 150 -27.25 -12.33 -23.88
C GLU C 150 -26.28 -13.11 -24.78
N ARG C 151 -25.51 -13.98 -24.17
CA ARG C 151 -24.60 -14.85 -24.91
C ARG C 151 -24.29 -16.00 -23.97
N LYS C 152 -23.68 -17.03 -24.51
CA LYS C 152 -23.29 -18.17 -23.71
C LYS C 152 -21.82 -18.06 -23.32
N GLU C 153 -21.51 -18.50 -22.11
CA GLU C 153 -20.14 -18.47 -21.62
C GLU C 153 -19.85 -19.90 -21.18
N THR C 154 -18.76 -20.44 -21.70
CA THR C 154 -18.37 -21.81 -21.35
C THR C 154 -17.02 -21.79 -20.67
N LEU C 155 -16.97 -22.33 -19.46
CA LEU C 155 -15.71 -22.43 -18.73
C LEU C 155 -15.66 -23.89 -18.28
N GLY C 156 -14.61 -24.59 -18.67
CA GLY C 156 -14.49 -25.99 -18.30
C GLY C 156 -15.57 -26.78 -19.01
N ASP C 157 -16.37 -27.54 -18.25
CA ASP C 157 -17.43 -28.35 -18.85
C ASP C 157 -18.80 -27.73 -18.66
N VAL C 158 -18.83 -26.46 -18.25
CA VAL C 158 -20.11 -25.79 -18.02
C VAL C 158 -20.38 -24.67 -19.01
N THR C 159 -21.58 -24.66 -19.58
CA THR C 159 -21.98 -23.59 -20.48
C THR C 159 -23.26 -23.00 -19.88
N HIS C 160 -23.31 -21.68 -19.81
CA HIS C 160 -24.49 -21.02 -19.26
C HIS C 160 -24.57 -19.67 -19.92
N ARG C 161 -25.69 -18.98 -19.74
CA ARG C 161 -25.84 -17.66 -20.33
C ARG C 161 -25.51 -16.52 -19.34
N ILE C 162 -25.21 -15.35 -19.88
CA ILE C 162 -24.97 -14.16 -19.06
C ILE C 162 -25.75 -13.10 -19.81
N LEU C 163 -26.14 -12.03 -19.12
CA LEU C 163 -26.80 -10.89 -19.76
C LEU C 163 -25.84 -9.73 -19.61
N THR C 164 -25.86 -8.80 -20.55
CA THR C 164 -25.04 -7.60 -20.41
C THR C 164 -25.93 -6.42 -20.76
N VAL C 165 -25.60 -5.27 -20.18
CA VAL C 165 -26.32 -4.01 -20.44
C VAL C 165 -25.42 -3.31 -21.45
N PRO C 166 -25.88 -3.16 -22.69
CA PRO C 166 -25.07 -2.50 -23.73
C PRO C 166 -24.51 -1.12 -23.42
N ILE C 167 -25.17 -0.33 -22.59
CA ILE C 167 -24.66 1.01 -22.30
C ILE C 167 -23.84 1.12 -21.02
N ALA C 168 -23.66 0.00 -20.31
CA ALA C 168 -22.93 -0.02 -19.05
C ALA C 168 -21.53 -0.56 -19.19
N GLN C 169 -20.63 -0.12 -18.32
CA GLN C 169 -19.27 -0.62 -18.27
C GLN C 169 -18.82 -0.50 -16.82
N ASP C 170 -18.14 -1.52 -16.30
CA ASP C 170 -17.69 -1.48 -14.91
C ASP C 170 -16.75 -0.31 -14.71
N GLN C 171 -16.81 0.30 -13.54
CA GLN C 171 -15.86 1.37 -13.21
C GLN C 171 -14.81 0.60 -12.42
N VAL C 172 -13.69 0.26 -13.06
CA VAL C 172 -12.68 -0.55 -12.38
C VAL C 172 -12.14 0.10 -11.12
N GLY C 173 -12.28 1.41 -11.01
CA GLY C 173 -11.81 2.12 -9.83
C GLY C 173 -12.65 1.75 -8.61
N MET C 174 -13.81 1.16 -8.84
CA MET C 174 -14.71 0.76 -7.78
C MET C 174 -14.51 -0.72 -7.40
N TYR C 175 -13.65 -1.41 -8.14
CA TYR C 175 -13.39 -2.82 -7.85
C TYR C 175 -12.62 -3.03 -6.55
N TYR C 176 -12.73 -4.24 -6.04
CA TYR C 176 -11.91 -4.65 -4.91
C TYR C 176 -10.57 -4.85 -5.63
N GLN C 177 -9.49 -4.25 -5.12
CA GLN C 177 -8.19 -4.40 -5.75
C GLN C 177 -7.30 -5.19 -4.78
N GLN C 178 -6.87 -6.37 -5.21
CA GLN C 178 -6.05 -7.25 -4.40
C GLN C 178 -4.63 -6.73 -4.30
N PRO C 179 -4.06 -6.69 -3.08
CA PRO C 179 -2.68 -6.20 -2.93
C PRO C 179 -1.72 -6.90 -3.88
N GLY C 180 -0.88 -6.13 -4.56
CA GLY C 180 0.07 -6.71 -5.49
C GLY C 180 -0.46 -6.94 -6.90
N GLN C 181 -1.76 -6.75 -7.10
CA GLN C 181 -2.36 -6.97 -8.42
C GLN C 181 -2.90 -5.69 -9.07
N GLN C 182 -2.87 -5.65 -10.41
CA GLN C 182 -3.41 -4.51 -11.15
C GLN C 182 -4.92 -4.62 -11.04
N LEU C 183 -5.62 -3.53 -11.34
CA LEU C 183 -7.09 -3.57 -11.28
C LEU C 183 -7.61 -4.59 -12.31
N ALA C 184 -8.67 -5.30 -11.93
CA ALA C 184 -9.34 -6.29 -12.76
C ALA C 184 -8.66 -7.64 -12.95
N THR C 185 -7.66 -7.93 -12.11
CA THR C 185 -6.99 -9.22 -12.10
C THR C 185 -6.92 -9.63 -10.63
N TRP C 186 -7.27 -10.87 -10.33
CA TRP C 186 -7.26 -11.36 -8.96
C TRP C 186 -6.66 -12.77 -8.90
N ILE C 187 -5.98 -13.09 -7.81
CA ILE C 187 -5.41 -14.43 -7.64
C ILE C 187 -6.17 -15.02 -6.46
N VAL C 188 -6.97 -16.06 -6.70
CA VAL C 188 -7.78 -16.64 -5.65
C VAL C 188 -6.91 -17.28 -4.57
N PRO C 189 -7.06 -16.84 -3.32
CA PRO C 189 -6.26 -17.41 -2.23
C PRO C 189 -6.67 -18.83 -1.89
N PRO C 190 -5.83 -19.53 -1.12
CA PRO C 190 -6.18 -20.90 -0.74
C PRO C 190 -7.51 -20.88 0.02
N GLY C 191 -8.35 -21.87 -0.24
CA GLY C 191 -9.61 -21.97 0.47
C GLY C 191 -10.60 -20.85 0.28
N GLN C 192 -10.50 -20.17 -0.86
CA GLN C 192 -11.42 -19.08 -1.16
C GLN C 192 -11.89 -19.19 -2.61
N TYR C 193 -12.96 -18.47 -2.94
CA TYR C 193 -13.50 -18.54 -4.31
C TYR C 193 -13.85 -17.18 -4.87
N PHE C 194 -13.81 -17.09 -6.20
CA PHE C 194 -14.14 -15.83 -6.86
C PHE C 194 -15.52 -16.08 -7.48
N MET C 195 -16.48 -15.25 -7.09
CA MET C 195 -17.86 -15.40 -7.54
C MET C 195 -18.33 -14.30 -8.48
N MET C 196 -19.09 -14.69 -9.49
CA MET C 196 -19.68 -13.68 -10.37
C MET C 196 -21.13 -13.95 -10.70
N GLY C 197 -21.87 -12.87 -10.86
CA GLY C 197 -23.27 -12.97 -11.20
C GLY C 197 -23.46 -13.07 -12.69
N ASP C 198 -24.43 -13.87 -13.13
CA ASP C 198 -24.68 -14.04 -14.55
C ASP C 198 -25.25 -12.76 -15.19
N ASN C 199 -25.90 -11.90 -14.41
CA ASN C 199 -26.44 -10.62 -14.94
C ASN C 199 -25.23 -9.71 -14.68
N ARG C 200 -24.22 -9.85 -15.54
CA ARG C 200 -22.91 -9.22 -15.40
C ARG C 200 -22.77 -7.74 -15.09
N ASP C 201 -23.71 -6.93 -15.57
CA ASP C 201 -23.69 -5.50 -15.31
C ASP C 201 -24.62 -5.14 -14.17
N ASN C 202 -25.26 -6.15 -13.59
CA ASN C 202 -26.20 -5.93 -12.48
C ASN C 202 -25.88 -6.91 -11.35
N SER C 203 -24.62 -6.95 -10.95
CA SER C 203 -24.18 -7.90 -9.95
C SER C 203 -23.03 -7.36 -9.11
N ALA C 204 -23.27 -7.27 -7.80
CA ALA C 204 -22.24 -6.81 -6.89
C ALA C 204 -21.66 -8.15 -6.44
N ASP C 205 -20.58 -8.55 -7.06
CA ASP C 205 -19.95 -9.83 -6.77
C ASP C 205 -18.48 -9.67 -6.33
N SER C 206 -17.68 -10.71 -6.52
CA SER C 206 -16.27 -10.65 -6.08
C SER C 206 -15.49 -9.50 -6.74
N ARG C 207 -15.94 -9.05 -7.90
CA ARG C 207 -15.24 -7.93 -8.52
C ARG C 207 -15.25 -6.75 -7.57
N TYR C 208 -16.29 -6.66 -6.74
CA TYR C 208 -16.41 -5.53 -5.85
C TYR C 208 -16.11 -5.79 -4.37
N TRP C 209 -16.34 -7.00 -3.91
CA TRP C 209 -16.06 -7.23 -2.51
C TRP C 209 -15.11 -8.37 -2.24
N GLY C 210 -14.42 -8.87 -3.27
CA GLY C 210 -13.45 -9.91 -3.02
C GLY C 210 -13.87 -11.36 -3.02
N PHE C 211 -13.08 -12.18 -2.33
CA PHE C 211 -13.28 -13.62 -2.30
C PHE C 211 -14.25 -14.13 -1.26
N VAL C 212 -14.77 -15.32 -1.50
CA VAL C 212 -15.71 -15.98 -0.59
C VAL C 212 -14.94 -17.13 0.07
N PRO C 213 -14.76 -17.07 1.40
CA PRO C 213 -14.05 -18.12 2.14
C PRO C 213 -14.85 -19.42 2.11
N GLU C 214 -14.16 -20.55 2.08
CA GLU C 214 -14.84 -21.84 2.03
C GLU C 214 -15.83 -22.01 3.19
N ALA C 215 -15.53 -21.43 4.34
CA ALA C 215 -16.40 -21.53 5.51
C ALA C 215 -17.74 -20.85 5.25
N ASN C 216 -17.79 -19.97 4.26
CA ASN C 216 -19.04 -19.27 3.96
C ASN C 216 -19.98 -20.03 3.04
N LEU C 217 -19.49 -21.10 2.42
CA LEU C 217 -20.31 -21.87 1.49
C LEU C 217 -21.49 -22.56 2.16
N VAL C 218 -22.63 -22.54 1.48
CA VAL C 218 -23.86 -23.13 2.01
C VAL C 218 -24.23 -24.33 1.17
N GLY C 219 -24.25 -24.14 -0.15
CA GLY C 219 -24.57 -25.24 -1.03
C GLY C 219 -24.61 -24.85 -2.48
N ARG C 220 -25.17 -25.74 -3.28
CA ARG C 220 -25.29 -25.52 -4.71
C ARG C 220 -26.74 -25.46 -5.12
N ALA C 221 -27.11 -24.42 -5.86
CA ALA C 221 -28.49 -24.30 -6.34
C ALA C 221 -28.54 -25.25 -7.53
N THR C 222 -29.33 -26.32 -7.41
CA THR C 222 -29.38 -27.31 -8.48
C THR C 222 -30.59 -27.27 -9.39
N ALA C 223 -31.67 -26.66 -8.92
CA ALA C 223 -32.86 -26.57 -9.75
C ALA C 223 -33.81 -25.50 -9.25
N ILE C 224 -34.85 -25.27 -10.05
CA ILE C 224 -35.90 -24.33 -9.73
C ILE C 224 -37.10 -25.25 -9.52
N TRP C 225 -37.74 -25.18 -8.35
CA TRP C 225 -38.90 -26.02 -8.09
C TRP C 225 -40.24 -25.30 -8.28
N MET C 226 -40.20 -23.96 -8.33
CA MET C 226 -41.40 -23.15 -8.48
C MET C 226 -40.96 -21.79 -9.02
N SER C 227 -41.87 -21.06 -9.63
CA SER C 227 -41.54 -19.74 -10.15
C SER C 227 -42.78 -18.89 -10.30
N PHE C 228 -42.77 -17.74 -9.65
CA PHE C 228 -43.91 -16.83 -9.70
C PHE C 228 -43.49 -15.61 -10.50
N ASP C 229 -44.27 -15.28 -11.53
CA ASP C 229 -43.96 -14.12 -12.33
C ASP C 229 -45.01 -13.09 -11.94
N LYS C 230 -44.63 -12.27 -10.98
CA LYS C 230 -45.46 -11.19 -10.44
C LYS C 230 -46.03 -10.20 -11.46
N GLN C 231 -46.10 -10.69 -12.64
CA GLN C 231 -46.60 -9.95 -13.79
C GLN C 231 -47.09 -10.93 -14.83
N GLU C 232 -47.73 -12.01 -14.51
CA GLU C 232 -47.37 -12.98 -15.95
C GLU C 232 -48.84 -12.90 -16.42
N GLY C 233 -49.06 -12.34 -17.61
CA GLY C 233 -50.41 -12.17 -18.12
C GLY C 233 -51.20 -13.43 -18.48
N GLU C 234 -50.68 -14.27 -19.37
CA GLU C 234 -51.39 -15.48 -19.81
C GLU C 234 -51.59 -16.58 -18.76
N TRP C 235 -52.67 -17.33 -18.94
CA TRP C 235 -53.05 -18.41 -18.04
C TRP C 235 -52.03 -19.55 -18.06
N PRO C 236 -51.66 -20.06 -16.87
CA PRO C 236 -52.13 -19.65 -15.55
C PRO C 236 -51.41 -18.37 -15.17
N THR C 237 -52.17 -17.32 -14.88
CA THR C 237 -51.58 -16.03 -14.53
C THR C 237 -50.66 -16.09 -13.31
N GLY C 238 -49.54 -15.38 -13.37
CA GLY C 238 -48.62 -15.33 -12.25
C GLY C 238 -47.61 -16.46 -12.08
N LEU C 239 -47.75 -17.54 -12.86
CA LEU C 239 -46.82 -18.69 -12.77
C LEU C 239 -45.92 -18.84 -13.97
N ARG C 240 -44.71 -19.36 -13.75
CA ARG C 240 -43.79 -19.62 -14.84
C ARG C 240 -43.36 -21.05 -14.66
N LEU C 241 -44.31 -21.96 -14.86
CA LEU C 241 -44.06 -23.38 -14.67
C LEU C 241 -43.00 -23.96 -15.59
N SER C 242 -42.77 -23.32 -16.74
CA SER C 242 -41.75 -23.80 -17.67
C SER C 242 -40.35 -23.72 -17.06
N ARG C 243 -40.20 -22.85 -16.06
CA ARG C 243 -38.91 -22.67 -15.40
C ARG C 243 -38.57 -23.80 -14.43
N ILE C 244 -39.57 -24.57 -14.01
CA ILE C 244 -39.32 -25.66 -13.07
C ILE C 244 -38.46 -26.74 -13.69
N GLY C 245 -37.36 -27.06 -13.03
CA GLY C 245 -36.45 -28.06 -13.55
C GLY C 245 -35.02 -27.75 -13.15
N GLY C 246 -34.08 -28.57 -13.61
CA GLY C 246 -32.70 -28.35 -13.26
C GLY C 246 -32.13 -27.08 -13.88
N ILE C 247 -31.10 -26.54 -13.25
CA ILE C 247 -30.45 -25.34 -13.80
C ILE C 247 -28.97 -25.67 -13.76
N HIS C 248 -28.16 -24.85 -14.41
CA HIS C 248 -26.72 -25.06 -14.34
C HIS C 248 -25.96 -23.82 -14.76
N ARG D 2 31.08 -2.85 38.48
CA ARG D 2 30.33 -1.56 38.23
C ARG D 2 28.91 -1.65 38.80
N SER D 3 28.75 -1.24 40.05
CA SER D 3 27.43 -1.24 40.70
C SER D 3 26.95 0.19 40.92
N PHE D 4 26.05 0.67 40.06
CA PHE D 4 25.54 2.03 40.17
C PHE D 4 24.44 2.19 41.22
N ILE D 5 24.35 3.40 41.76
CA ILE D 5 23.34 3.71 42.78
C ILE D 5 22.38 4.71 42.17
N TYR D 6 21.10 4.47 42.39
CA TYR D 6 20.08 5.35 41.85
C TYR D 6 19.18 5.86 42.95
N GLU D 7 18.55 7.00 42.69
CA GLU D 7 17.61 7.53 43.65
C GLU D 7 16.58 8.34 42.90
N PRO D 8 15.33 8.34 43.41
CA PRO D 8 14.24 9.08 42.79
C PRO D 8 14.28 10.54 43.26
N PHE D 9 13.91 11.47 42.38
CA PHE D 9 13.88 12.87 42.74
C PHE D 9 12.59 13.46 42.20
N GLN D 10 11.99 14.37 42.95
CA GLN D 10 10.76 15.02 42.53
C GLN D 10 11.19 16.38 41.96
N ILE D 11 10.44 16.91 40.99
CA ILE D 11 10.76 18.19 40.36
C ILE D 11 9.72 19.22 40.82
N PRO D 12 10.09 20.10 41.77
CA PRO D 12 9.09 21.08 42.21
C PRO D 12 9.09 22.44 41.49
N SER D 13 10.08 22.70 40.64
CA SER D 13 10.19 23.98 39.96
C SER D 13 10.31 23.85 38.45
N GLY D 14 10.05 24.93 37.74
CA GLY D 14 10.08 24.84 36.29
C GLY D 14 11.30 25.32 35.54
N SER D 15 12.44 25.48 36.20
CA SER D 15 13.60 26.01 35.47
C SER D 15 14.20 25.06 34.41
N MET D 16 13.72 23.82 34.36
CA MET D 16 14.19 22.86 33.34
C MET D 16 13.11 22.55 32.31
N MET D 17 12.06 23.37 32.25
CA MET D 17 11.01 23.18 31.26
C MET D 17 11.65 23.45 29.92
N PRO D 18 11.16 22.80 28.84
CA PRO D 18 10.04 21.84 28.81
C PRO D 18 10.48 20.40 29.07
N THR D 19 11.78 20.22 29.26
CA THR D 19 12.37 18.91 29.46
C THR D 19 11.83 18.21 30.71
N LEU D 20 11.79 18.95 31.81
CA LEU D 20 11.27 18.45 33.06
C LEU D 20 10.19 19.42 33.52
N LEU D 21 9.03 18.90 33.91
CA LEU D 21 7.95 19.76 34.34
C LEU D 21 7.70 19.61 35.83
N ILE D 22 7.13 20.66 36.43
CA ILE D 22 6.81 20.61 37.84
C ILE D 22 5.86 19.42 37.99
N GLY D 23 6.15 18.53 38.93
CA GLY D 23 5.30 17.35 39.11
C GLY D 23 5.96 16.10 38.54
N ASP D 24 7.05 16.26 37.79
CA ASP D 24 7.76 15.08 37.28
C ASP D 24 8.51 14.39 38.44
N PHE D 25 8.73 13.08 38.30
CA PHE D 25 9.50 12.27 39.25
C PHE D 25 10.55 11.61 38.36
N ILE D 26 11.82 11.89 38.66
CA ILE D 26 12.89 11.37 37.83
C ILE D 26 13.76 10.37 38.55
N LEU D 27 14.54 9.64 37.77
CA LEU D 27 15.44 8.66 38.32
C LEU D 27 16.81 9.28 38.11
N VAL D 28 17.65 9.21 39.13
CA VAL D 28 18.98 9.75 39.05
C VAL D 28 20.01 8.69 39.39
N GLU D 29 21.05 8.62 38.56
CA GLU D 29 22.13 7.67 38.73
C GLU D 29 23.30 8.44 39.31
N LYS D 30 23.66 8.09 40.54
CA LYS D 30 24.77 8.72 41.24
C LYS D 30 26.05 8.66 40.41
N PHE D 31 26.91 9.66 40.57
CA PHE D 31 28.17 9.64 39.84
C PHE D 31 29.12 8.67 40.52
N ALA D 32 29.00 8.57 41.83
CA ALA D 32 29.83 7.68 42.63
C ALA D 32 29.30 6.25 42.58
N TYR D 33 30.12 5.32 42.08
CA TYR D 33 29.68 3.93 42.01
C TYR D 33 30.68 2.96 42.62
N GLY D 34 30.34 1.68 42.61
CA GLY D 34 31.23 0.67 43.17
C GLY D 34 31.89 -0.19 42.12
N ILE D 35 32.99 -0.83 42.49
CA ILE D 35 33.73 -1.67 41.56
C ILE D 35 34.18 -2.96 42.17
N LYS D 36 34.21 -3.98 41.32
CA LYS D 36 34.63 -5.31 41.71
C LYS D 36 36.13 -5.38 41.53
N ASP D 37 36.87 -5.05 42.58
CA ASP D 37 38.32 -5.08 42.52
C ASP D 37 38.76 -6.50 42.17
N PRO D 38 39.70 -6.64 41.23
CA PRO D 38 40.19 -7.95 40.82
C PRO D 38 40.74 -8.72 42.01
N ILE D 39 42.03 -8.53 42.23
CA ILE D 39 42.79 -9.53 43.09
C ILE D 39 42.35 -9.12 44.51
N TYR D 40 41.41 -9.91 45.05
CA TYR D 40 40.81 -9.81 46.41
C TYR D 40 39.61 -8.90 46.63
N GLN D 41 39.08 -8.31 45.57
CA GLN D 41 37.40 -8.36 45.59
C GLN D 41 37.00 -7.29 46.61
N LYS D 42 37.96 -6.67 47.30
CA LYS D 42 37.59 -5.61 48.23
C LYS D 42 36.82 -4.60 47.37
N THR D 43 35.93 -3.81 47.97
CA THR D 43 35.16 -2.86 47.19
C THR D 43 35.76 -1.45 47.16
N LEU D 44 36.01 -0.96 45.94
CA LEU D 44 36.56 0.39 45.76
C LEU D 44 35.54 1.29 45.08
N ILE D 45 35.50 2.55 45.49
CA ILE D 45 34.57 3.51 44.94
C ILE D 45 35.25 4.42 43.91
N GLU D 46 34.61 4.55 42.75
CA GLU D 46 35.08 5.40 41.66
C GLU D 46 33.97 6.40 41.35
N THR D 47 34.36 7.59 40.89
CA THR D 47 33.36 8.60 40.59
C THR D 47 33.43 9.03 39.13
N GLY D 48 32.32 8.87 38.41
CA GLY D 48 32.27 9.27 37.01
C GLY D 48 32.09 10.77 36.94
N HIS D 49 32.06 11.31 35.73
CA HIS D 49 31.90 12.75 35.53
C HIS D 49 30.80 13.07 34.53
N PRO D 50 30.22 14.28 34.62
CA PRO D 50 29.17 14.64 33.68
C PRO D 50 29.74 14.81 32.27
N LYS D 51 28.94 14.49 31.26
CA LYS D 51 29.33 14.69 29.87
C LYS D 51 28.58 15.95 29.49
N ARG D 52 29.04 16.65 28.47
CA ARG D 52 28.37 17.87 28.06
C ARG D 52 26.93 17.61 27.66
N GLY D 53 26.01 18.38 28.21
CA GLY D 53 24.60 18.20 27.90
C GLY D 53 23.83 17.34 28.89
N ASP D 54 24.55 16.69 29.81
CA ASP D 54 23.88 15.88 30.83
C ASP D 54 23.00 16.76 31.73
N ILE D 55 21.90 16.18 32.19
CA ILE D 55 21.02 16.85 33.14
C ILE D 55 21.55 16.33 34.46
N VAL D 56 22.05 17.25 35.27
CA VAL D 56 22.69 16.92 36.54
C VAL D 56 22.04 17.46 37.82
N VAL D 57 22.00 16.62 38.86
CA VAL D 57 21.51 17.02 40.19
C VAL D 57 22.78 17.37 40.97
N PHE D 58 22.79 18.54 41.60
CA PHE D 58 23.98 18.95 42.36
C PHE D 58 23.58 19.77 43.57
N LYS D 59 24.50 19.86 44.53
CA LYS D 59 24.25 20.65 45.71
C LYS D 59 24.48 22.09 45.30
N TYR D 60 23.47 22.92 45.49
CA TYR D 60 23.55 24.33 45.13
C TYR D 60 24.75 24.98 45.86
N PRO D 61 25.77 25.44 45.11
CA PRO D 61 26.97 26.07 45.65
C PRO D 61 26.77 27.12 46.71
N GLU D 62 25.76 27.97 46.54
CA GLU D 62 25.48 29.01 47.49
C GLU D 62 24.84 28.46 48.75
N ASP D 63 24.04 27.41 48.61
CA ASP D 63 23.36 26.81 49.75
C ASP D 63 23.33 25.29 49.56
N PRO D 64 24.46 24.62 49.81
CA PRO D 64 24.68 23.17 49.69
C PRO D 64 23.60 22.25 50.26
N LYS D 65 22.70 22.79 51.07
CA LYS D 65 21.64 21.97 51.65
C LYS D 65 20.51 21.75 50.65
N LEU D 66 20.53 22.55 49.58
CA LEU D 66 19.51 22.44 48.53
C LEU D 66 20.06 21.73 47.30
N ASP D 67 19.27 20.82 46.72
CA ASP D 67 19.70 20.12 45.51
C ASP D 67 19.13 20.87 44.31
N TYR D 68 19.95 21.16 43.31
CA TYR D 68 19.47 21.82 42.10
C TYR D 68 19.61 20.81 40.97
N ILE D 69 18.88 21.05 39.88
CA ILE D 69 18.98 20.21 38.69
C ILE D 69 19.04 21.15 37.52
N LYS D 70 20.12 21.04 36.76
CA LYS D 70 20.37 21.89 35.61
C LYS D 70 21.06 21.05 34.56
N ARG D 71 21.38 21.66 33.43
CA ARG D 71 22.07 20.97 32.37
C ARG D 71 23.53 21.42 32.39
N ALA D 72 24.46 20.47 32.34
CA ALA D 72 25.88 20.81 32.35
C ALA D 72 26.26 21.23 30.93
N VAL D 73 26.26 22.52 30.68
CA VAL D 73 26.59 22.98 29.34
C VAL D 73 28.09 23.32 29.21
N GLY D 74 28.74 23.56 30.33
CA GLY D 74 30.16 23.89 30.30
C GLY D 74 30.98 22.91 31.14
N LEU D 75 31.98 22.28 30.51
CA LEU D 75 32.85 21.33 31.21
C LEU D 75 34.15 22.04 31.60
N PRO D 76 34.93 21.46 32.53
CA PRO D 76 36.19 22.07 32.94
C PRO D 76 37.03 22.52 31.76
N GLY D 77 37.45 23.78 31.78
CA GLY D 77 38.26 24.29 30.69
C GLY D 77 37.46 24.94 29.57
N ASP D 78 36.14 24.82 29.59
CA ASP D 78 35.33 25.43 28.53
C ASP D 78 35.26 26.92 28.66
N LYS D 79 35.35 27.62 27.54
CA LYS D 79 35.15 29.07 27.54
C LYS D 79 33.69 29.17 27.10
N VAL D 80 32.83 29.63 27.99
CA VAL D 80 31.40 29.74 27.69
C VAL D 80 30.97 31.18 27.48
N THR D 81 30.27 31.42 26.39
CA THR D 81 29.77 32.75 26.09
C THR D 81 28.28 32.66 25.82
N TYR D 82 27.52 33.57 26.43
CA TYR D 82 26.08 33.64 26.25
C TYR D 82 25.69 35.00 25.70
N ASP D 83 25.00 34.99 24.57
CA ASP D 83 24.52 36.20 23.93
C ASP D 83 23.10 36.39 24.47
N PRO D 84 22.90 37.35 25.38
CA PRO D 84 21.57 37.57 25.95
C PRO D 84 20.51 38.03 24.95
N VAL D 85 20.95 38.55 23.81
CA VAL D 85 20.01 39.02 22.79
C VAL D 85 19.45 37.84 22.02
N SER D 86 20.31 37.07 21.39
CA SER D 86 19.90 35.93 20.61
C SER D 86 19.61 34.72 21.49
N LYS D 87 19.98 34.83 22.77
CA LYS D 87 19.79 33.75 23.75
C LYS D 87 20.41 32.46 23.25
N GLU D 88 21.64 32.56 22.78
CA GLU D 88 22.37 31.41 22.27
C GLU D 88 23.73 31.28 22.95
N LEU D 89 24.20 30.05 23.05
CA LEU D 89 25.48 29.76 23.68
C LEU D 89 26.60 29.54 22.67
N THR D 90 27.83 29.82 23.09
CA THR D 90 29.00 29.57 22.27
C THR D 90 29.89 28.83 23.25
N ILE D 91 30.49 27.72 22.81
CA ILE D 91 31.35 26.94 23.69
C ILE D 91 32.66 26.55 23.03
N GLN D 92 33.76 26.92 23.70
CA GLN D 92 35.10 26.62 23.20
C GLN D 92 35.86 25.83 24.27
N PRO D 93 36.02 24.52 24.05
CA PRO D 93 36.73 23.62 24.98
C PRO D 93 38.16 24.05 25.29
N ALA D 104 35.94 25.76 18.24
CA ALA D 104 34.62 26.04 18.78
C ALA D 104 33.71 24.84 18.65
N LEU D 105 33.15 24.40 19.78
CA LEU D 105 32.22 23.28 19.79
C LEU D 105 31.03 23.77 18.99
N PRO D 106 30.56 22.99 18.01
CA PRO D 106 29.41 23.46 17.24
C PRO D 106 28.13 23.48 18.08
N VAL D 107 27.51 24.65 18.15
CA VAL D 107 26.27 24.79 18.89
C VAL D 107 25.22 25.38 17.94
N THR D 108 24.26 24.55 17.53
CA THR D 108 23.24 25.03 16.61
C THR D 108 21.83 25.02 17.20
N TYR D 109 20.99 25.90 16.67
CA TYR D 109 19.61 26.05 17.12
C TYR D 109 18.60 25.88 16.01
N SER D 110 17.43 25.34 16.33
CA SER D 110 16.41 25.18 15.31
C SER D 110 15.55 26.45 15.34
N ASN D 111 14.57 26.54 14.45
CA ASN D 111 13.70 27.71 14.40
C ASN D 111 12.83 27.79 15.65
N VAL D 112 12.57 29.00 16.10
CA VAL D 112 11.73 29.21 17.27
C VAL D 112 10.29 28.84 16.90
N GLU D 113 9.56 28.28 17.85
CA GLU D 113 8.16 27.91 17.60
C GLU D 113 7.37 28.14 18.89
N PRO D 114 6.06 28.36 18.77
CA PRO D 114 5.27 28.60 19.98
C PRO D 114 5.25 27.32 20.82
N SER D 115 5.43 27.44 22.12
CA SER D 115 5.39 26.27 22.97
C SER D 115 3.97 26.06 23.51
N ASP D 116 3.77 24.99 24.25
CA ASP D 116 2.45 24.72 24.83
C ASP D 116 2.22 25.53 26.09
N PHE D 117 3.25 26.23 26.53
CA PHE D 117 3.18 26.98 27.79
C PHE D 117 3.04 28.49 27.74
N VAL D 118 2.26 28.99 28.69
CA VAL D 118 2.04 30.42 28.85
C VAL D 118 2.50 30.75 30.26
N GLN D 119 3.27 31.82 30.41
CA GLN D 119 3.70 32.19 31.74
C GLN D 119 2.94 33.47 32.10
N THR D 120 2.32 33.48 33.28
CA THR D 120 1.57 34.66 33.69
C THR D 120 2.24 35.37 34.85
N PHE D 121 1.71 36.55 35.16
CA PHE D 121 2.22 37.36 36.26
C PHE D 121 1.02 37.97 36.99
N SER D 122 1.06 37.95 38.31
CA SER D 122 -0.05 38.50 39.09
C SER D 122 -0.05 40.03 39.01
N THR D 130 4.07 36.42 41.51
CA THR D 130 3.41 35.14 41.31
C THR D 130 3.45 34.69 39.85
N SER D 131 4.65 34.30 39.40
CA SER D 131 4.86 33.84 38.04
C SER D 131 4.48 32.36 37.94
N GLY D 132 3.40 32.04 37.23
CA GLY D 132 2.97 30.67 37.08
C GLY D 132 3.07 30.20 35.62
N PHE D 133 3.17 28.89 35.44
CA PHE D 133 3.26 28.29 34.11
C PHE D 133 2.01 27.48 33.85
N PHE D 134 1.43 27.67 32.66
CA PHE D 134 0.22 26.96 32.31
C PHE D 134 0.30 26.38 30.91
N GLU D 135 -0.18 25.16 30.77
CA GLU D 135 -0.22 24.53 29.47
C GLU D 135 -1.53 25.05 28.87
N VAL D 136 -1.41 25.89 27.85
CA VAL D 136 -2.56 26.53 27.22
C VAL D 136 -2.67 26.25 25.73
N PRO D 137 -3.86 25.82 25.28
CA PRO D 137 -4.10 25.53 23.87
C PRO D 137 -3.59 26.68 23.03
N LYS D 138 -2.96 26.35 21.91
CA LYS D 138 -2.39 27.34 21.00
C LYS D 138 -3.30 28.50 20.59
N ASN D 139 -4.59 28.24 20.47
CA ASN D 139 -5.53 29.27 20.05
C ASN D 139 -6.13 30.03 21.23
N GLU D 140 -5.51 29.87 22.38
CA GLU D 140 -5.95 30.54 23.59
C GLU D 140 -4.80 31.27 24.22
N THR D 141 -5.11 32.07 25.23
CA THR D 141 -4.08 32.79 25.94
C THR D 141 -4.56 32.97 27.36
N LYS D 142 -3.86 33.78 28.13
CA LYS D 142 -4.25 34.04 29.50
C LYS D 142 -3.99 35.51 29.75
N GLU D 143 -4.85 36.11 30.56
CA GLU D 143 -4.72 37.52 30.89
C GLU D 143 -3.35 37.70 31.57
N ASN D 144 -2.62 38.73 31.17
CA ASN D 144 -1.30 38.99 31.74
C ASN D 144 -0.37 37.79 31.59
N GLY D 145 -0.46 37.12 30.44
CA GLY D 145 0.39 35.98 30.17
C GLY D 145 1.12 36.17 28.87
N ILE D 146 2.23 35.44 28.70
CA ILE D 146 3.00 35.49 27.48
C ILE D 146 3.27 34.02 27.11
N ARG D 147 3.04 33.67 25.84
CA ARG D 147 3.32 32.30 25.44
C ARG D 147 4.82 32.19 25.27
N LEU D 148 5.40 31.12 25.83
CA LEU D 148 6.84 30.92 25.71
C LEU D 148 7.16 30.31 24.37
N SER D 149 8.34 30.60 23.86
CA SER D 149 8.77 30.02 22.61
C SER D 149 9.63 28.82 22.93
N GLU D 150 9.69 27.89 21.98
CA GLU D 150 10.48 26.69 22.15
C GLU D 150 11.35 26.47 20.93
N ARG D 151 12.53 25.88 21.16
CA ARG D 151 13.44 25.56 20.06
C ARG D 151 14.41 24.49 20.57
N LYS D 152 15.12 23.87 19.64
CA LYS D 152 16.08 22.84 19.96
C LYS D 152 17.46 23.47 19.99
N GLU D 153 18.28 23.01 20.93
CA GLU D 153 19.64 23.50 21.04
C GLU D 153 20.50 22.25 20.96
N THR D 154 21.53 22.28 20.11
CA THR D 154 22.42 21.14 19.98
C THR D 154 23.78 21.57 20.46
N LEU D 155 24.25 20.90 21.51
CA LEU D 155 25.56 21.20 22.10
C LEU D 155 26.45 20.08 21.59
N GLY D 156 27.20 20.37 20.53
CA GLY D 156 28.06 19.34 19.97
C GLY D 156 27.17 18.29 19.35
N ASP D 157 27.01 17.15 20.03
CA ASP D 157 26.18 16.06 19.51
C ASP D 157 24.95 15.79 20.37
N VAL D 158 24.67 16.66 21.34
CA VAL D 158 23.52 16.47 22.21
C VAL D 158 22.41 17.49 21.92
N THR D 159 21.24 16.98 21.54
CA THR D 159 20.12 17.87 21.22
C THR D 159 19.06 17.83 22.30
N HIS D 160 18.56 19.01 22.67
CA HIS D 160 17.53 19.09 23.68
C HIS D 160 16.74 20.36 23.42
N ARG D 161 15.64 20.54 24.14
CA ARG D 161 14.82 21.73 23.95
C ARG D 161 15.04 22.75 25.03
N ILE D 162 14.71 24.00 24.72
CA ILE D 162 14.75 25.07 25.69
C ILE D 162 13.50 25.89 25.44
N LEU D 163 13.10 26.66 26.45
CA LEU D 163 11.99 27.60 26.32
C LEU D 163 12.62 28.97 26.55
N THR D 164 12.10 29.96 25.84
CA THR D 164 12.54 31.34 26.03
C THR D 164 11.25 32.19 26.12
N VAL D 165 11.34 33.28 26.89
CA VAL D 165 10.24 34.23 27.08
C VAL D 165 10.55 35.36 26.11
N PRO D 166 9.74 35.52 25.05
CA PRO D 166 9.94 36.56 24.04
C PRO D 166 10.10 37.98 24.59
N ILE D 167 9.46 38.27 25.71
CA ILE D 167 9.53 39.61 26.27
C ILE D 167 10.62 39.78 27.33
N ALA D 168 11.35 38.72 27.62
CA ALA D 168 12.43 38.79 28.61
C ALA D 168 13.79 38.90 27.96
N GLN D 169 14.74 39.40 28.75
CA GLN D 169 16.12 39.51 28.34
C GLN D 169 16.93 39.66 29.61
N ASP D 170 18.03 38.90 29.71
CA ASP D 170 18.88 38.95 30.90
C ASP D 170 19.50 40.33 31.11
N GLN D 171 19.57 40.78 32.36
CA GLN D 171 20.26 42.04 32.65
C GLN D 171 21.65 41.53 33.04
N VAL D 172 22.58 41.62 32.11
CA VAL D 172 23.94 41.14 32.30
C VAL D 172 24.67 41.68 33.53
N GLY D 173 24.31 42.88 33.97
CA GLY D 173 24.96 43.46 35.13
C GLY D 173 24.61 42.68 36.37
N MET D 174 23.67 41.75 36.25
CA MET D 174 23.27 40.94 37.37
C MET D 174 23.99 39.60 37.34
N TYR D 175 24.72 39.34 36.26
CA TYR D 175 25.45 38.10 36.11
C TYR D 175 26.61 38.01 37.10
N TYR D 176 27.10 36.80 37.28
CA TYR D 176 28.28 36.60 38.09
C TYR D 176 29.34 36.97 37.05
N GLN D 177 30.25 37.86 37.41
CA GLN D 177 31.29 38.25 36.48
C GLN D 177 32.60 37.65 36.99
N GLN D 178 33.23 36.87 36.14
CA GLN D 178 34.48 36.21 36.50
C GLN D 178 35.64 37.20 36.40
N PRO D 179 36.48 37.27 37.44
CA PRO D 179 37.61 38.21 37.38
C PRO D 179 38.44 38.07 36.11
N GLY D 180 38.67 39.18 35.42
CA GLY D 180 39.47 39.17 34.20
C GLY D 180 38.69 38.95 32.92
N GLN D 181 37.43 38.57 33.05
CA GLN D 181 36.57 38.32 31.90
C GLN D 181 35.51 39.40 31.76
N GLN D 182 35.01 39.61 30.55
CA GLN D 182 33.96 40.59 30.38
C GLN D 182 32.66 39.89 30.74
N LEU D 183 31.57 40.65 30.80
CA LEU D 183 30.28 40.08 31.13
C LEU D 183 29.84 39.09 30.08
N ALA D 184 29.10 38.06 30.52
CA ALA D 184 28.58 37.03 29.62
C ALA D 184 29.60 36.08 29.05
N THR D 185 30.81 36.08 29.62
CA THR D 185 31.85 35.18 29.16
C THR D 185 32.44 34.54 30.42
N TRP D 186 32.62 33.23 30.39
CA TRP D 186 33.13 32.51 31.54
C TRP D 186 34.09 31.44 31.11
N ILE D 187 35.07 31.16 31.97
CA ILE D 187 36.04 30.11 31.71
C ILE D 187 35.84 29.16 32.87
N VAL D 188 35.40 27.94 32.56
CA VAL D 188 35.14 26.99 33.62
C VAL D 188 36.42 26.49 34.26
N PRO D 189 36.54 26.62 35.59
CA PRO D 189 37.72 26.20 36.38
C PRO D 189 37.87 24.69 36.34
N PRO D 190 39.09 24.17 36.59
CA PRO D 190 39.22 22.71 36.55
C PRO D 190 38.35 22.07 37.62
N GLY D 191 37.83 20.88 37.33
CA GLY D 191 36.98 20.20 38.29
C GLY D 191 35.72 20.97 38.66
N GLN D 192 35.28 21.84 37.77
CA GLN D 192 34.07 22.63 38.01
C GLN D 192 33.17 22.67 36.77
N TYR D 193 31.90 23.03 36.95
CA TYR D 193 30.96 23.04 35.83
C TYR D 193 30.06 24.26 35.70
N PHE D 194 29.67 24.55 34.47
CA PHE D 194 28.78 25.66 34.18
C PHE D 194 27.41 25.05 33.91
N MET D 195 26.45 25.39 34.76
CA MET D 195 25.09 24.85 34.68
C MET D 195 24.09 25.87 34.17
N MET D 196 23.14 25.41 33.37
CA MET D 196 22.10 26.30 32.84
C MET D 196 20.77 25.53 32.73
N GLY D 197 19.68 26.21 33.06
CA GLY D 197 18.36 25.58 32.98
C GLY D 197 17.79 25.69 31.57
N ASP D 198 16.98 24.72 31.20
CA ASP D 198 16.35 24.72 29.87
C ASP D 198 15.30 25.84 29.73
N ASN D 199 14.72 26.27 30.85
CA ASN D 199 13.74 27.36 30.82
C ASN D 199 14.66 28.57 31.00
N ARG D 200 15.32 28.92 29.91
CA ARG D 200 16.38 29.93 29.89
C ARG D 200 16.17 31.32 30.50
N ASP D 201 14.93 31.77 30.56
CA ASP D 201 14.66 33.08 31.13
C ASP D 201 14.06 32.92 32.51
N ASN D 202 13.95 31.67 32.97
CA ASN D 202 13.40 31.37 34.30
C ASN D 202 14.31 30.36 35.00
N SER D 203 15.59 30.70 35.08
CA SER D 203 16.57 29.80 35.68
C SER D 203 17.71 30.55 36.35
N ALA D 204 17.79 30.42 37.67
CA ALA D 204 18.88 31.05 38.44
C ALA D 204 19.99 29.99 38.36
N ASP D 205 20.88 30.16 37.40
CA ASP D 205 21.93 29.19 37.18
C ASP D 205 23.33 29.81 37.20
N SER D 206 24.31 29.13 36.62
CA SER D 206 25.68 29.58 36.62
C SER D 206 25.90 31.01 36.09
N ARG D 207 25.00 31.50 35.25
CA ARG D 207 25.11 32.85 34.73
C ARG D 207 25.09 33.83 35.90
N TYR D 208 24.34 33.47 36.93
CA TYR D 208 24.16 34.32 38.11
C TYR D 208 24.97 33.96 39.37
N TRP D 209 25.32 32.70 39.55
CA TRP D 209 26.07 32.33 40.76
C TRP D 209 27.35 31.55 40.58
N GLY D 210 27.84 31.49 39.35
CA GLY D 210 29.10 30.81 39.12
C GLY D 210 29.10 29.32 38.86
N PHE D 211 30.25 28.70 39.08
CA PHE D 211 30.38 27.28 38.79
C PHE D 211 30.02 26.31 39.89
N VAL D 212 29.86 25.06 39.49
CA VAL D 212 29.53 24.00 40.42
C VAL D 212 30.76 23.12 40.55
N PRO D 213 31.33 23.05 41.76
CA PRO D 213 32.51 22.20 41.94
C PRO D 213 32.13 20.72 41.84
N GLU D 214 33.04 19.93 41.29
CA GLU D 214 32.89 18.49 41.12
C GLU D 214 32.35 17.80 42.36
N ALA D 215 32.79 18.26 43.54
CA ALA D 215 32.36 17.67 44.79
C ALA D 215 30.89 17.86 45.08
N ASN D 216 30.30 18.88 44.46
CA ASN D 216 28.89 19.18 44.67
C ASN D 216 27.95 18.33 43.81
N LEU D 217 28.49 17.58 42.86
CA LEU D 217 27.67 16.77 41.94
C LEU D 217 27.08 15.54 42.61
N VAL D 218 25.78 15.31 42.39
CA VAL D 218 25.13 14.16 42.98
C VAL D 218 24.97 13.04 41.96
N GLY D 219 24.38 13.37 40.82
CA GLY D 219 24.20 12.37 39.77
C GLY D 219 23.61 12.89 38.48
N ARG D 220 23.33 11.97 37.57
CA ARG D 220 22.75 12.29 36.27
C ARG D 220 21.29 11.79 36.18
N ALA D 221 20.41 12.62 35.62
CA ALA D 221 19.01 12.25 35.47
C ALA D 221 18.94 11.30 34.27
N THR D 222 18.29 10.15 34.43
CA THR D 222 18.20 9.17 33.36
C THR D 222 16.78 8.88 32.84
N ALA D 223 15.77 9.28 33.60
CA ALA D 223 14.41 8.98 33.16
C ALA D 223 13.32 9.63 34.00
N ILE D 224 12.11 9.65 33.44
CA ILE D 224 10.97 10.14 34.19
C ILE D 224 10.20 8.87 34.49
N TRP D 225 10.03 8.51 35.76
CA TRP D 225 9.28 7.30 36.08
C TRP D 225 7.86 7.55 36.54
N MET D 226 7.48 8.81 36.68
CA MET D 226 6.12 9.15 37.08
C MET D 226 5.99 10.64 36.93
N SER D 227 4.76 11.10 36.75
CA SER D 227 4.52 12.52 36.63
C SER D 227 3.08 12.81 37.09
N PHE D 228 2.91 13.88 37.85
CA PHE D 228 1.60 14.27 38.37
C PHE D 228 1.32 15.70 37.94
N ASP D 229 0.11 15.96 37.50
CA ASP D 229 -0.28 17.28 37.04
C ASP D 229 -1.50 17.82 37.79
N GLY D 238 -5.15 13.59 37.09
CA GLY D 238 -3.97 13.99 37.82
C GLY D 238 -2.71 13.37 37.24
N LEU D 239 -2.71 12.04 37.14
CA LEU D 239 -1.57 11.32 36.58
C LEU D 239 -1.18 11.86 35.21
N ARG D 240 0.05 11.58 34.80
CA ARG D 240 0.54 12.05 33.52
C ARG D 240 1.51 11.00 32.99
N LEU D 241 0.95 9.83 32.70
CA LEU D 241 1.71 8.68 32.22
C LEU D 241 2.42 8.90 30.89
N SER D 242 1.98 9.88 30.12
CA SER D 242 2.58 10.17 28.82
C SER D 242 4.01 10.71 28.94
N ARG D 243 4.38 11.21 30.10
CA ARG D 243 5.74 11.76 30.27
C ARG D 243 6.73 10.71 30.76
N ILE D 244 6.22 9.54 31.13
CA ILE D 244 7.09 8.47 31.60
C ILE D 244 7.95 7.97 30.45
N GLY D 245 9.25 7.89 30.69
CA GLY D 245 10.15 7.43 29.64
C GLY D 245 11.49 8.14 29.67
N GLY D 246 12.10 8.25 28.49
CA GLY D 246 13.40 8.90 28.37
C GLY D 246 13.35 10.39 28.57
N ILE D 247 14.49 10.96 28.97
CA ILE D 247 14.57 12.38 29.20
C ILE D 247 15.22 13.11 28.06
N HIS D 248 14.57 14.22 27.72
CA HIS D 248 14.96 15.16 26.68
C HIS D 248 13.76 15.20 25.75
#